data_8DKQ
#
_entry.id   8DKQ
#
_cell.length_a   48.967
_cell.length_b   55.291
_cell.length_c   76.092
_cell.angle_alpha   104.070
_cell.angle_beta   100.370
_cell.angle_gamma   108.670
#
_symmetry.space_group_name_H-M   'P 1'
#
loop_
_entity.id
_entity.type
_entity.pdbx_description
1 polymer 'Bifunctional protein PutA'
2 non-polymer 'FLAVIN-ADENINE DINUCLEOTIDE'
3 non-polymer '(furan-2-yl)acetic acid'
4 non-polymer DI(HYDROXYETHYL)ETHER
5 water water
#
_entity_poly.entity_id   1
_entity_poly.type   'polypeptide(L)'
_entity_poly.pdbx_seq_one_letter_code
;SRPQSTLRRAITAAYRRPETECLPPLVEAATQSKEIRDAAASTARKLIEALRGKHSGSGSSGSMMGEQFVTGETIREALK
RSKELEEKGFSYSYDMLGEAATTAADAERYYRDYESAIHAIGKASAGRGIYEGPGISIKLSALHPRYSRAQAARVMGELL
PRVKALALLAKNYDIGLNIDAEEADRLELSLDLLEVLCLDGDLSGWNGMGFVVQAYGKRCPFVLDFIIDLARRSGRRIMV
RLVKGAYWDAEIKRAQLDGLADFPVFTRKIHTDVSYIACAAKLLAATDVVFPQFATHNAQTLAAIYHMAGKDFHVGKYEF
QCLHGMGEPLYEEVVGRGKLDRPCRIYAPVGTHETLLAYLVRRLLENGANSSFVHRINDPKVSIDELIADPVEVVR
;
_entity_poly.pdbx_strand_id   A,B
#
# COMPACT_ATOMS: atom_id res chain seq x y z
N GLN A 4 2.01 37.02 -3.26
CA GLN A 4 3.23 37.50 -3.90
C GLN A 4 4.13 38.24 -2.92
N SER A 5 5.26 37.62 -2.55
CA SER A 5 6.22 38.26 -1.67
C SER A 5 7.57 37.55 -1.84
N THR A 6 8.64 38.23 -1.41
CA THR A 6 9.97 37.64 -1.49
C THR A 6 10.03 36.30 -0.79
N LEU A 7 9.31 36.16 0.33
CA LEU A 7 9.30 34.88 1.04
C LEU A 7 8.54 33.82 0.25
N ARG A 8 7.42 34.19 -0.37
CA ARG A 8 6.70 33.22 -1.19
C ARG A 8 7.47 32.88 -2.45
N ARG A 9 8.29 33.80 -2.97
CA ARG A 9 9.06 33.53 -4.17
C ARG A 9 10.18 32.53 -3.91
N ALA A 10 10.76 32.57 -2.72
CA ALA A 10 11.78 31.58 -2.37
C ALA A 10 11.19 30.19 -2.36
N ILE A 11 9.92 30.06 -1.97
CA ILE A 11 9.25 28.77 -1.97
C ILE A 11 9.07 28.26 -3.40
N THR A 12 8.48 29.09 -4.27
CA THR A 12 8.25 28.67 -5.66
C THR A 12 9.54 28.32 -6.37
N ALA A 13 10.60 29.11 -6.15
CA ALA A 13 11.88 28.87 -6.82
C ALA A 13 12.52 27.56 -6.40
N ALA A 14 12.24 27.09 -5.18
CA ALA A 14 12.87 25.88 -4.68
C ALA A 14 12.17 24.60 -5.12
N TYR A 15 10.97 24.70 -5.72
CA TYR A 15 10.10 23.55 -5.95
C TYR A 15 10.85 22.35 -6.52
N ARG A 16 11.63 22.58 -7.58
CA ARG A 16 12.41 21.53 -8.22
C ARG A 16 13.86 21.94 -8.38
N ARG A 17 14.38 22.74 -7.45
CA ARG A 17 15.79 23.08 -7.47
C ARG A 17 16.62 21.80 -7.48
N PRO A 18 17.68 21.74 -8.29
CA PRO A 18 18.51 20.52 -8.29
C PRO A 18 18.99 20.16 -6.90
N GLU A 19 18.97 18.85 -6.62
CA GLU A 19 19.29 18.36 -5.28
C GLU A 19 20.67 18.82 -4.84
N THR A 20 21.63 18.84 -5.76
CA THR A 20 23.00 19.24 -5.39
C THR A 20 23.07 20.70 -4.96
N GLU A 21 22.19 21.56 -5.48
CA GLU A 21 22.24 22.96 -5.07
C GLU A 21 21.47 23.21 -3.77
N CYS A 22 20.52 22.33 -3.43
CA CYS A 22 19.78 22.47 -2.18
C CYS A 22 20.65 22.19 -0.96
N LEU A 23 21.63 21.30 -1.09
CA LEU A 23 22.24 20.76 0.11
C LEU A 23 23.23 21.68 0.82
N PRO A 24 24.07 22.45 0.13
CA PRO A 24 25.10 23.23 0.84
C PRO A 24 24.52 24.10 1.96
N PRO A 25 23.42 24.84 1.73
CA PRO A 25 22.88 25.62 2.86
C PRO A 25 22.30 24.74 3.97
N LEU A 26 21.82 23.54 3.65
CA LEU A 26 21.31 22.67 4.70
C LEU A 26 22.46 22.09 5.52
N VAL A 27 23.54 21.69 4.85
CA VAL A 27 24.69 21.14 5.55
C VAL A 27 25.25 22.14 6.54
N GLU A 28 25.41 23.40 6.11
CA GLU A 28 25.93 24.43 7.01
C GLU A 28 24.99 24.66 8.19
N ALA A 29 23.68 24.63 7.94
CA ALA A 29 22.73 24.88 9.01
C ALA A 29 22.62 23.70 9.97
N ALA A 30 22.88 22.48 9.48
CA ALA A 30 22.79 21.26 10.27
C ALA A 30 24.11 20.90 10.96
N THR A 31 25.18 21.64 10.71
CA THR A 31 26.44 21.36 11.37
C THR A 31 26.35 21.79 12.83
N GLN A 32 26.67 20.87 13.74
CA GLN A 32 26.62 21.16 15.17
C GLN A 32 28.02 21.27 15.73
N SER A 33 28.13 22.00 16.84
CA SER A 33 29.40 22.10 17.56
C SER A 33 29.84 20.72 18.04
N LYS A 34 31.15 20.56 18.22
CA LYS A 34 31.68 19.28 18.69
C LYS A 34 31.05 18.89 20.02
N GLU A 35 30.88 19.85 20.94
CA GLU A 35 30.27 19.55 22.24
C GLU A 35 28.85 19.03 22.07
N ILE A 36 28.06 19.66 21.19
CA ILE A 36 26.70 19.19 20.98
C ILE A 36 26.68 17.84 20.28
N ARG A 37 27.56 17.65 19.28
CA ARG A 37 27.58 16.36 18.60
C ARG A 37 27.95 15.24 19.55
N ASP A 38 28.90 15.47 20.44
CA ASP A 38 29.31 14.44 21.39
C ASP A 38 28.22 14.14 22.39
N ALA A 39 27.53 15.17 22.88
CA ALA A 39 26.42 14.95 23.81
C ALA A 39 25.27 14.22 23.14
N ALA A 40 24.96 14.57 21.88
CA ALA A 40 23.90 13.91 21.15
C ALA A 40 24.23 12.44 20.90
N ALA A 41 25.49 12.16 20.55
CA ALA A 41 25.92 10.78 20.36
C ALA A 41 25.72 9.95 21.63
N SER A 42 26.03 10.55 22.78
CA SER A 42 25.86 9.87 24.06
C SER A 42 24.38 9.59 24.36
N THR A 43 23.53 10.60 24.20
CA THR A 43 22.10 10.42 24.41
C THR A 43 21.51 9.41 23.44
N ALA A 44 21.87 9.50 22.17
CA ALA A 44 21.32 8.58 21.19
C ALA A 44 21.74 7.15 21.50
N ARG A 45 23.00 6.96 21.91
CA ARG A 45 23.45 5.62 22.27
C ARG A 45 22.62 5.06 23.41
N LYS A 46 22.38 5.88 24.45
CA LYS A 46 21.57 5.43 25.58
C LYS A 46 20.16 5.06 25.16
N LEU A 47 19.55 5.86 24.28
CA LEU A 47 18.20 5.56 23.80
C LEU A 47 18.18 4.28 22.98
N ILE A 48 19.17 4.10 22.10
CA ILE A 48 19.17 2.92 21.24
C ILE A 48 19.46 1.66 22.03
N GLU A 49 20.38 1.73 23.00
CA GLU A 49 20.62 0.59 23.86
C GLU A 49 19.34 0.21 24.61
N ALA A 50 18.55 1.21 25.01
CA ALA A 50 17.27 0.91 25.66
C ALA A 50 16.27 0.29 24.69
N LEU A 51 16.20 0.83 23.46
CA LEU A 51 15.28 0.29 22.46
C LEU A 51 15.63 -1.15 22.10
N ARG A 52 16.92 -1.45 21.97
CA ARG A 52 17.31 -2.81 21.61
C ARG A 52 17.21 -3.79 22.78
N GLY A 53 16.88 -3.32 23.97
CA GLY A 53 16.38 -4.20 25.00
C GLY A 53 14.88 -4.42 24.94
N LYS A 54 14.19 -3.66 24.08
CA LYS A 54 12.74 -3.80 23.92
C LYS A 54 12.40 -4.54 22.62
N GLY A 66 -3.83 -4.29 11.14
CA GLY A 66 -3.23 -3.03 11.55
C GLY A 66 -3.73 -2.50 12.89
N GLU A 67 -4.13 -3.43 13.76
CA GLU A 67 -4.71 -3.04 15.04
C GLU A 67 -3.77 -2.18 15.86
N GLN A 68 -2.46 -2.34 15.67
CA GLN A 68 -1.52 -1.62 16.51
C GLN A 68 -1.48 -0.14 16.21
N PHE A 69 -2.00 0.29 15.05
CA PHE A 69 -1.89 1.67 14.62
C PHE A 69 -3.14 2.51 14.88
N VAL A 70 -4.25 1.92 15.31
CA VAL A 70 -5.51 2.63 15.54
CA VAL A 70 -5.49 2.66 15.54
C VAL A 70 -5.76 2.73 17.04
N THR A 71 -6.11 3.92 17.51
CA THR A 71 -6.33 4.14 18.93
C THR A 71 -7.74 3.74 19.38
N GLY A 72 -8.73 3.92 18.53
CA GLY A 72 -10.07 3.44 18.84
C GLY A 72 -10.95 3.62 17.61
N GLU A 73 -12.12 2.97 17.65
CA GLU A 73 -13.05 3.11 16.53
C GLU A 73 -13.78 4.44 16.57
N THR A 74 -14.03 4.98 17.75
CA THR A 74 -14.74 6.23 17.91
C THR A 74 -13.91 7.15 18.79
N ILE A 75 -14.24 8.45 18.74
CA ILE A 75 -13.49 9.40 19.55
C ILE A 75 -13.76 9.17 21.04
N ARG A 76 -14.98 8.75 21.41
CA ARG A 76 -15.26 8.44 22.80
C ARG A 76 -14.39 7.29 23.28
N GLU A 77 -14.23 6.26 22.45
CA GLU A 77 -13.38 5.13 22.77
C GLU A 77 -11.92 5.55 22.87
N ALA A 78 -11.44 6.37 21.93
CA ALA A 78 -10.06 6.80 21.96
C ALA A 78 -9.78 7.74 23.13
N LEU A 79 -10.77 8.58 23.49
CA LEU A 79 -10.55 9.49 24.62
C LEU A 79 -10.46 8.72 25.93
N LYS A 80 -11.26 7.67 26.09
CA LYS A 80 -11.18 6.84 27.30
C LYS A 80 -9.81 6.19 27.43
N ARG A 81 -9.20 5.77 26.32
CA ARG A 81 -7.96 5.02 26.35
C ARG A 81 -6.72 5.88 26.50
N SER A 82 -6.88 7.20 26.57
CA SER A 82 -5.74 8.10 26.61
C SER A 82 -5.31 8.49 28.01
N LYS A 83 -6.10 8.15 29.04
CA LYS A 83 -5.79 8.62 30.39
C LYS A 83 -4.46 8.07 30.90
N GLU A 84 -4.17 6.78 30.65
CA GLU A 84 -2.98 6.15 31.21
C GLU A 84 -1.70 6.85 30.76
N LEU A 85 -1.56 7.10 29.46
CA LEU A 85 -0.35 7.76 28.99
C LEU A 85 -0.37 9.26 29.24
N GLU A 86 -1.55 9.89 29.33
CA GLU A 86 -1.55 11.31 29.64
C GLU A 86 -0.97 11.58 31.02
N GLU A 87 -1.22 10.68 31.97
CA GLU A 87 -0.66 10.84 33.31
C GLU A 87 0.86 10.63 33.32
N LYS A 88 1.41 9.95 32.32
CA LYS A 88 2.84 9.73 32.24
C LYS A 88 3.60 10.90 31.60
N GLY A 89 2.90 11.86 31.02
CA GLY A 89 3.55 12.96 30.34
C GLY A 89 3.30 13.06 28.85
N PHE A 90 2.49 12.17 28.27
CA PHE A 90 2.13 12.26 26.87
C PHE A 90 0.90 13.13 26.69
N SER A 91 0.78 13.69 25.49
CA SER A 91 -0.49 14.28 25.07
C SER A 91 -0.91 13.61 23.76
N TYR A 92 -2.04 14.05 23.22
CA TYR A 92 -2.61 13.41 22.05
C TYR A 92 -3.00 14.43 20.99
N SER A 93 -2.93 13.98 19.73
CA SER A 93 -3.56 14.67 18.62
C SER A 93 -4.39 13.62 17.89
N TYR A 94 -5.70 13.77 17.92
CA TYR A 94 -6.59 12.75 17.36
C TYR A 94 -6.83 13.00 15.88
N ASP A 95 -6.78 11.95 15.08
CA ASP A 95 -7.08 12.04 13.65
C ASP A 95 -8.25 11.13 13.34
N MET A 96 -9.40 11.72 12.98
CA MET A 96 -10.49 10.93 12.44
C MET A 96 -10.09 10.49 11.03
N LEU A 97 -9.85 9.21 10.85
CA LEU A 97 -9.29 8.70 9.62
C LEU A 97 -10.20 9.03 8.44
N GLY A 98 -9.58 9.28 7.29
CA GLY A 98 -10.32 9.69 6.13
C GLY A 98 -9.51 10.66 5.32
N GLU A 99 -9.51 10.49 4.00
CA GLU A 99 -8.71 11.36 3.15
C GLU A 99 -9.18 11.15 1.73
N ALA A 100 -8.77 12.06 0.86
CA ALA A 100 -8.99 11.93 -0.58
C ALA A 100 -10.46 11.67 -0.90
N ALA A 101 -11.33 12.54 -0.40
CA ALA A 101 -12.74 12.42 -0.71
C ALA A 101 -12.97 12.48 -2.21
N THR A 102 -13.82 11.58 -2.70
CA THR A 102 -14.15 11.54 -4.13
C THR A 102 -15.58 11.93 -4.43
N THR A 103 -16.42 12.12 -3.43
CA THR A 103 -17.79 12.57 -3.63
C THR A 103 -18.11 13.64 -2.59
N ALA A 104 -19.13 14.44 -2.91
CA ALA A 104 -19.59 15.47 -1.98
C ALA A 104 -20.11 14.86 -0.69
N ALA A 105 -20.79 13.71 -0.79
CA ALA A 105 -21.29 13.02 0.39
C ALA A 105 -20.15 12.58 1.30
N ASP A 106 -19.04 12.09 0.72
CA ASP A 106 -17.93 11.68 1.55
C ASP A 106 -17.28 12.87 2.23
N ALA A 107 -17.10 13.97 1.51
CA ALA A 107 -16.49 15.15 2.12
C ALA A 107 -17.38 15.71 3.22
N GLU A 108 -18.69 15.64 3.06
CA GLU A 108 -19.59 16.10 4.11
C GLU A 108 -19.51 15.19 5.34
N ARG A 109 -19.39 13.87 5.14
CA ARG A 109 -19.30 12.97 6.28
C ARG A 109 -17.99 13.18 7.04
N TYR A 110 -16.89 13.38 6.31
CA TYR A 110 -15.63 13.66 6.97
C TYR A 110 -15.70 14.96 7.76
N TYR A 111 -16.36 15.98 7.20
CA TYR A 111 -16.52 17.24 7.91
C TYR A 111 -17.26 17.03 9.23
N ARG A 112 -18.37 16.30 9.18
CA ARG A 112 -19.14 16.04 10.40
C ARG A 112 -18.36 15.20 11.39
N ASP A 113 -17.54 14.25 10.90
CA ASP A 113 -16.64 13.50 11.77
C ASP A 113 -15.67 14.43 12.51
N TYR A 114 -15.02 15.33 11.76
CA TYR A 114 -14.10 16.29 12.39
C TYR A 114 -14.84 17.20 13.37
N GLU A 115 -16.02 17.67 12.98
CA GLU A 115 -16.80 18.56 13.82
C GLU A 115 -17.16 17.87 15.14
N SER A 116 -17.65 16.64 15.06
CA SER A 116 -18.02 15.95 16.29
CA SER A 116 -18.01 15.90 16.27
C SER A 116 -16.79 15.64 17.14
N ALA A 117 -15.65 15.36 16.50
CA ALA A 117 -14.43 15.10 17.26
C ALA A 117 -13.97 16.33 18.02
N ILE A 118 -14.07 17.51 17.39
CA ILE A 118 -13.64 18.73 18.07
C ILE A 118 -14.49 18.97 19.31
N HIS A 119 -15.81 18.82 19.19
CA HIS A 119 -16.66 18.96 20.37
C HIS A 119 -16.26 17.99 21.47
N ALA A 120 -16.00 16.72 21.12
CA ALA A 120 -15.67 15.74 22.14
C ALA A 120 -14.28 15.98 22.73
N ILE A 121 -13.31 16.27 21.87
CA ILE A 121 -11.96 16.57 22.35
C ILE A 121 -11.96 17.85 23.18
N GLY A 122 -12.66 18.87 22.70
CA GLY A 122 -12.68 20.14 23.41
C GLY A 122 -13.32 20.02 24.77
N LYS A 123 -14.38 19.22 24.88
CA LYS A 123 -14.99 19.00 26.18
C LYS A 123 -14.07 18.19 27.10
N ALA A 124 -13.33 17.24 26.53
CA ALA A 124 -12.40 16.46 27.35
C ALA A 124 -11.20 17.29 27.77
N SER A 125 -10.81 18.27 26.94
CA SER A 125 -9.68 19.13 27.28
C SER A 125 -9.90 19.85 28.60
N ALA A 126 -11.12 20.32 28.81
CA ALA A 126 -11.53 20.93 30.09
C ALA A 126 -10.63 22.10 30.46
N GLY A 127 -10.27 22.92 29.46
CA GLY A 127 -9.49 24.10 29.70
C GLY A 127 -8.01 23.89 29.92
N ARG A 128 -7.49 22.70 29.60
CA ARG A 128 -6.06 22.46 29.76
C ARG A 128 -5.23 23.25 28.75
N GLY A 129 -5.83 23.72 27.67
CA GLY A 129 -5.12 24.56 26.72
C GLY A 129 -4.43 23.76 25.64
N ILE A 130 -3.75 24.50 24.77
CA ILE A 130 -3.28 23.89 23.52
C ILE A 130 -2.02 23.06 23.71
N TYR A 131 -1.27 23.24 24.81
CA TYR A 131 -0.03 22.49 25.00
C TYR A 131 -0.21 21.29 25.92
N GLU A 132 -0.91 21.46 27.03
CA GLU A 132 -1.12 20.39 27.99
C GLU A 132 -2.33 19.52 27.68
N GLY A 133 -3.22 19.99 26.80
CA GLY A 133 -4.42 19.27 26.50
C GLY A 133 -4.37 18.68 25.11
N PRO A 134 -5.36 17.85 24.78
CA PRO A 134 -5.37 17.19 23.47
C PRO A 134 -5.74 18.16 22.35
N GLY A 135 -5.45 17.73 21.12
CA GLY A 135 -5.86 18.47 19.94
C GLY A 135 -6.31 17.55 18.84
N ILE A 136 -6.51 18.11 17.64
CA ILE A 136 -7.01 17.37 16.49
C ILE A 136 -6.12 17.64 15.29
N SER A 137 -6.05 16.67 14.39
CA SER A 137 -5.38 16.80 13.11
C SER A 137 -6.39 16.52 12.01
N ILE A 138 -6.33 17.30 10.92
CA ILE A 138 -7.23 17.14 9.79
C ILE A 138 -6.42 17.08 8.51
N LYS A 139 -7.03 16.47 7.48
CA LYS A 139 -6.47 16.43 6.14
C LYS A 139 -7.38 17.21 5.21
N LEU A 140 -6.84 18.20 4.51
CA LEU A 140 -7.68 19.00 3.63
C LEU A 140 -8.30 18.15 2.52
N SER A 141 -7.64 17.06 2.11
CA SER A 141 -8.19 16.26 1.03
C SER A 141 -9.47 15.54 1.42
N ALA A 142 -9.74 15.40 2.72
CA ALA A 142 -10.98 14.81 3.19
C ALA A 142 -12.16 15.76 3.05
N LEU A 143 -11.89 17.05 2.91
CA LEU A 143 -12.93 18.06 3.06
C LEU A 143 -13.37 18.66 1.75
N HIS A 144 -12.77 18.26 0.63
CA HIS A 144 -13.15 18.75 -0.68
C HIS A 144 -13.13 17.55 -1.63
N PRO A 145 -14.21 17.32 -2.39
CA PRO A 145 -14.32 16.08 -3.19
C PRO A 145 -13.43 16.03 -4.42
N ARG A 146 -12.80 17.13 -4.80
CA ARG A 146 -11.89 17.15 -5.94
C ARG A 146 -10.60 17.87 -5.57
N TYR A 147 -10.08 17.54 -4.38
CA TYR A 147 -9.02 18.35 -3.79
C TYR A 147 -7.78 18.42 -4.68
N SER A 148 -7.40 17.29 -5.27
CA SER A 148 -6.22 17.24 -6.13
C SER A 148 -6.54 17.38 -7.62
N ARG A 149 -7.82 17.32 -8.01
CA ARG A 149 -8.19 17.28 -9.43
C ARG A 149 -8.82 18.56 -9.93
N ALA A 150 -9.08 19.52 -9.05
CA ALA A 150 -9.65 20.80 -9.45
C ALA A 150 -8.64 21.91 -9.21
N GLN A 151 -8.96 23.10 -9.76
CA GLN A 151 -8.04 24.22 -9.68
C GLN A 151 -7.84 24.68 -8.24
N ALA A 152 -6.57 24.87 -7.87
CA ALA A 152 -6.23 25.23 -6.50
C ALA A 152 -7.02 26.45 -6.02
N ALA A 153 -7.24 27.43 -6.91
CA ALA A 153 -7.93 28.65 -6.49
C ALA A 153 -9.34 28.34 -6.00
N ARG A 154 -10.14 27.66 -6.83
CA ARG A 154 -11.50 27.32 -6.44
C ARG A 154 -11.54 26.37 -5.26
N VAL A 155 -10.61 25.40 -5.22
CA VAL A 155 -10.56 24.45 -4.10
C VAL A 155 -10.39 25.20 -2.78
N MET A 156 -9.41 26.10 -2.72
CA MET A 156 -9.15 26.82 -1.47
C MET A 156 -10.38 27.63 -1.05
N GLY A 157 -11.05 28.28 -2.00
CA GLY A 157 -12.19 29.11 -1.65
C GLY A 157 -13.37 28.33 -1.13
N GLU A 158 -13.61 27.12 -1.67
CA GLU A 158 -14.67 26.26 -1.15
C GLU A 158 -14.25 25.58 0.14
N LEU A 159 -12.95 25.36 0.31
CA LEU A 159 -12.43 24.73 1.51
C LEU A 159 -12.44 25.70 2.68
N LEU A 160 -12.16 26.98 2.40
CA LEU A 160 -11.94 27.97 3.46
C LEU A 160 -13.09 28.02 4.47
N PRO A 161 -14.36 28.16 4.08
CA PRO A 161 -15.41 28.25 5.10
C PRO A 161 -15.50 27.01 5.98
N ARG A 162 -15.20 25.82 5.44
CA ARG A 162 -15.24 24.62 6.25
C ARG A 162 -14.11 24.61 7.28
N VAL A 163 -12.89 24.92 6.86
CA VAL A 163 -11.77 24.92 7.79
C VAL A 163 -11.92 26.05 8.80
N LYS A 164 -12.41 27.22 8.38
CA LYS A 164 -12.61 28.30 9.34
C LYS A 164 -13.63 27.92 10.40
N ALA A 165 -14.70 27.24 10.00
CA ALA A 165 -15.70 26.79 10.97
C ALA A 165 -15.09 25.84 11.98
N LEU A 166 -14.27 24.90 11.51
CA LEU A 166 -13.60 23.99 12.45
C LEU A 166 -12.62 24.75 13.33
N ALA A 167 -11.89 25.70 12.75
CA ALA A 167 -10.94 26.47 13.55
C ALA A 167 -11.65 27.29 14.61
N LEU A 168 -12.81 27.85 14.27
CA LEU A 168 -13.58 28.60 15.25
C LEU A 168 -14.03 27.71 16.41
N LEU A 169 -14.41 26.46 16.11
CA LEU A 169 -14.76 25.54 17.18
C LEU A 169 -13.55 25.20 18.03
N ALA A 170 -12.40 24.99 17.39
CA ALA A 170 -11.20 24.70 18.16
C ALA A 170 -10.85 25.90 19.04
N LYS A 171 -10.99 27.11 18.50
CA LYS A 171 -10.79 28.30 19.32
C LYS A 171 -11.75 28.33 20.51
N ASN A 172 -13.02 27.95 20.30
CA ASN A 172 -14.01 27.99 21.38
C ASN A 172 -13.56 27.15 22.58
N TYR A 173 -12.95 26.00 22.33
CA TYR A 173 -12.50 25.10 23.40
C TYR A 173 -11.04 25.28 23.74
N ASP A 174 -10.30 26.12 23.01
CA ASP A 174 -8.86 26.31 23.16
C ASP A 174 -8.09 24.98 23.03
N ILE A 175 -8.25 24.34 21.89
CA ILE A 175 -7.45 23.15 21.56
C ILE A 175 -6.68 23.39 20.28
N GLY A 176 -5.69 22.53 20.06
CA GLY A 176 -4.93 22.58 18.81
C GLY A 176 -5.68 21.97 17.64
N LEU A 177 -5.49 22.57 16.47
CA LEU A 177 -6.04 22.05 15.22
CA LEU A 177 -6.05 22.07 15.21
C LEU A 177 -4.92 22.12 14.19
N ASN A 178 -4.44 20.95 13.79
CA ASN A 178 -3.32 20.81 12.87
C ASN A 178 -3.80 20.41 11.49
N ILE A 179 -3.25 21.06 10.46
CA ILE A 179 -3.45 20.67 9.08
C ILE A 179 -2.30 19.74 8.67
N ASP A 180 -2.61 18.47 8.45
CA ASP A 180 -1.60 17.52 7.99
C ASP A 180 -1.10 17.90 6.58
N ALA A 181 0.13 17.49 6.27
CA ALA A 181 0.70 17.71 4.95
C ALA A 181 0.53 16.46 4.10
N GLU A 182 0.14 16.66 2.84
CA GLU A 182 -0.11 15.52 1.95
C GLU A 182 0.83 15.61 0.75
N GLU A 183 0.32 15.54 -0.48
CA GLU A 183 1.24 15.47 -1.62
C GLU A 183 1.84 16.84 -1.93
N ALA A 184 3.00 16.82 -2.60
CA ALA A 184 3.77 18.04 -2.83
C ALA A 184 3.00 19.07 -3.65
N ASP A 185 2.17 18.62 -4.60
CA ASP A 185 1.48 19.59 -5.45
C ASP A 185 0.36 20.32 -4.73
N ARG A 186 0.15 20.07 -3.43
CA ARG A 186 -0.88 20.78 -2.67
C ARG A 186 -0.29 21.55 -1.51
N LEU A 187 1.04 21.61 -1.41
CA LEU A 187 1.67 22.44 -0.39
C LEU A 187 1.22 23.89 -0.51
N GLU A 188 1.29 24.44 -1.72
CA GLU A 188 1.01 25.87 -1.93
C GLU A 188 -0.42 26.22 -1.56
N LEU A 189 -1.37 25.38 -1.95
CA LEU A 189 -2.77 25.61 -1.60
C LEU A 189 -2.94 25.65 -0.10
N SER A 190 -2.44 24.63 0.59
CA SER A 190 -2.62 24.55 2.04
C SER A 190 -1.93 25.70 2.74
N LEU A 191 -0.78 26.14 2.21
CA LEU A 191 -0.08 27.27 2.79
C LEU A 191 -0.88 28.56 2.65
N ASP A 192 -1.53 28.75 1.50
CA ASP A 192 -2.38 29.93 1.30
C ASP A 192 -3.54 29.92 2.30
N LEU A 193 -4.09 28.74 2.58
CA LEU A 193 -5.17 28.63 3.55
C LEU A 193 -4.69 28.99 4.94
N LEU A 194 -3.49 28.53 5.31
CA LEU A 194 -2.94 28.88 6.61
C LEU A 194 -2.79 30.38 6.75
N GLU A 195 -2.34 31.08 5.70
CA GLU A 195 -2.16 32.51 5.79
C GLU A 195 -3.49 33.23 5.99
N VAL A 196 -4.53 32.82 5.24
CA VAL A 196 -5.84 33.46 5.42
C VAL A 196 -6.34 33.28 6.84
N LEU A 197 -6.23 32.06 7.39
CA LEU A 197 -6.70 31.81 8.75
C LEU A 197 -5.93 32.66 9.76
N CYS A 198 -4.61 32.74 9.63
CA CYS A 198 -3.81 33.46 10.62
C CYS A 198 -4.04 34.97 10.56
N LEU A 199 -4.54 35.49 9.44
CA LEU A 199 -4.90 36.90 9.34
C LEU A 199 -6.36 37.17 9.62
N ASP A 200 -7.15 36.16 9.97
CA ASP A 200 -8.59 36.30 10.18
C ASP A 200 -8.88 36.73 11.61
N GLY A 201 -9.47 37.91 11.77
CA GLY A 201 -9.71 38.47 13.10
C GLY A 201 -10.65 37.66 13.98
N ASP A 202 -11.51 36.82 13.38
CA ASP A 202 -12.39 36.00 14.18
C ASP A 202 -11.65 34.93 14.97
N LEU A 203 -10.39 34.66 14.64
CA LEU A 203 -9.60 33.64 15.32
C LEU A 203 -8.55 34.25 16.24
N SER A 204 -8.61 35.55 16.49
CA SER A 204 -7.59 36.22 17.28
C SER A 204 -7.56 35.66 18.71
N GLY A 205 -6.36 35.66 19.31
CA GLY A 205 -6.21 35.23 20.68
C GLY A 205 -6.12 33.73 20.87
N TRP A 206 -6.19 32.96 19.78
CA TRP A 206 -6.09 31.51 19.83
C TRP A 206 -4.82 31.09 19.09
N ASN A 207 -3.96 30.33 19.76
CA ASN A 207 -2.69 29.92 19.18
C ASN A 207 -2.70 28.45 18.79
N GLY A 208 -3.88 27.87 18.58
CA GLY A 208 -3.97 26.45 18.31
C GLY A 208 -3.81 26.03 16.86
N MET A 209 -3.77 26.95 15.91
CA MET A 209 -3.60 26.55 14.51
C MET A 209 -2.22 25.95 14.29
N GLY A 210 -2.19 24.81 13.62
CA GLY A 210 -0.96 24.07 13.43
C GLY A 210 -0.82 23.65 11.98
N PHE A 211 0.44 23.44 11.58
CA PHE A 211 0.73 23.17 10.17
C PHE A 211 1.95 22.28 10.09
N VAL A 212 1.90 21.31 9.19
CA VAL A 212 2.99 20.35 9.00
C VAL A 212 3.88 20.81 7.86
N VAL A 213 5.20 20.68 8.03
CA VAL A 213 6.13 20.89 6.93
C VAL A 213 7.01 19.65 6.80
N GLN A 214 7.19 19.17 5.55
CA GLN A 214 7.90 17.94 5.24
C GLN A 214 9.34 18.23 4.84
N ALA A 215 10.29 17.71 5.63
CA ALA A 215 11.70 17.93 5.38
C ALA A 215 12.23 17.14 4.18
N TYR A 216 11.52 16.13 3.70
CA TYR A 216 12.01 15.56 2.45
C TYR A 216 11.72 16.45 1.25
N GLY A 217 11.03 17.57 1.45
CA GLY A 217 10.75 18.50 0.37
C GLY A 217 11.84 19.55 0.23
N LYS A 218 12.18 19.87 -1.03
CA LYS A 218 13.19 20.88 -1.29
C LYS A 218 12.76 22.27 -0.85
N ARG A 219 11.46 22.49 -0.70
CA ARG A 219 10.94 23.80 -0.32
C ARG A 219 10.91 24.03 1.19
N CYS A 220 11.19 22.99 1.97
CA CYS A 220 10.95 23.02 3.41
C CYS A 220 11.53 24.23 4.14
N PRO A 221 12.81 24.55 4.04
CA PRO A 221 13.31 25.69 4.84
C PRO A 221 12.69 27.02 4.43
N PHE A 222 12.27 27.16 3.17
CA PHE A 222 11.67 28.40 2.71
C PHE A 222 10.21 28.51 3.13
N VAL A 223 9.50 27.37 3.17
CA VAL A 223 8.19 27.35 3.82
C VAL A 223 8.34 27.77 5.28
N LEU A 224 9.38 27.26 5.95
CA LEU A 224 9.56 27.59 7.36
C LEU A 224 9.87 29.07 7.55
N ASP A 225 10.70 29.65 6.67
CA ASP A 225 10.91 31.10 6.73
C ASP A 225 9.58 31.84 6.59
N PHE A 226 8.74 31.40 5.65
CA PHE A 226 7.48 32.09 5.42
C PHE A 226 6.56 31.96 6.62
N ILE A 227 6.52 30.79 7.25
CA ILE A 227 5.61 30.56 8.37
C ILE A 227 6.10 31.31 9.60
N ILE A 228 7.41 31.33 9.81
CA ILE A 228 7.95 32.04 10.97
C ILE A 228 7.66 33.53 10.86
N ASP A 229 7.81 34.10 9.66
CA ASP A 229 7.46 35.50 9.47
C ASP A 229 5.97 35.74 9.58
N LEU A 230 5.16 34.82 9.04
CA LEU A 230 3.72 34.92 9.20
C LEU A 230 3.31 34.91 10.67
N ALA A 231 3.91 34.03 11.46
CA ALA A 231 3.63 34.02 12.89
C ALA A 231 4.00 35.36 13.51
N ARG A 232 5.20 35.86 13.19
CA ARG A 232 5.67 37.08 13.85
C ARG A 232 4.80 38.27 13.49
N ARG A 233 4.34 38.37 12.23
CA ARG A 233 3.56 39.55 11.89
C ARG A 233 2.07 39.40 12.21
N SER A 234 1.55 38.18 12.28
CA SER A 234 0.14 37.96 12.58
C SER A 234 -0.15 37.89 14.06
N GLY A 235 0.86 37.66 14.89
CA GLY A 235 0.64 37.48 16.31
C GLY A 235 0.15 36.10 16.70
N ARG A 236 0.06 35.18 15.76
CA ARG A 236 -0.33 33.81 16.04
C ARG A 236 0.92 32.97 16.26
N ARG A 237 0.97 32.25 17.38
CA ARG A 237 2.10 31.35 17.64
C ARG A 237 1.80 30.03 16.96
N ILE A 238 2.10 29.98 15.65
CA ILE A 238 1.74 28.83 14.84
C ILE A 238 2.44 27.58 15.35
N MET A 239 1.68 26.50 15.50
CA MET A 239 2.26 25.21 15.86
C MET A 239 2.80 24.61 14.57
N VAL A 240 4.09 24.25 14.54
CA VAL A 240 4.73 23.76 13.32
C VAL A 240 5.23 22.37 13.58
N ARG A 241 4.61 21.37 12.94
CA ARG A 241 5.06 19.99 13.08
C ARG A 241 6.06 19.72 11.97
N LEU A 242 7.31 19.52 12.35
CA LEU A 242 8.37 19.19 11.40
C LEU A 242 8.42 17.67 11.26
N VAL A 243 8.22 17.18 10.05
CA VAL A 243 8.25 15.76 9.76
C VAL A 243 9.25 15.54 8.64
N LYS A 244 9.60 14.28 8.41
CA LYS A 244 10.34 14.01 7.19
C LYS A 244 9.38 13.86 6.01
N GLY A 245 8.50 12.88 6.05
CA GLY A 245 7.41 12.87 5.07
C GLY A 245 6.98 11.47 4.72
N ALA A 246 5.68 11.32 4.41
CA ALA A 246 5.04 10.00 4.34
C ALA A 246 4.76 9.48 2.94
N TYR A 247 4.95 10.30 1.89
CA TYR A 247 4.48 10.00 0.55
C TYR A 247 5.64 9.84 -0.43
N TRP A 248 6.81 9.43 0.05
CA TRP A 248 8.00 9.50 -0.79
C TRP A 248 7.88 8.61 -2.01
N ASP A 249 7.39 7.38 -1.83
CA ASP A 249 7.31 6.47 -2.97
C ASP A 249 6.35 7.00 -4.04
N ALA A 250 5.23 7.58 -3.61
CA ALA A 250 4.27 8.13 -4.58
C ALA A 250 4.83 9.35 -5.29
N GLU A 251 5.58 10.20 -4.59
CA GLU A 251 6.16 11.38 -5.22
C GLU A 251 7.18 10.98 -6.27
N ILE A 252 8.02 9.98 -5.95
CA ILE A 252 9.01 9.50 -6.91
C ILE A 252 8.33 8.93 -8.14
N LYS A 253 7.31 8.09 -7.93
CA LYS A 253 6.62 7.50 -9.06
C LYS A 253 5.95 8.56 -9.92
N ARG A 254 5.33 9.55 -9.29
CA ARG A 254 4.71 10.64 -10.05
C ARG A 254 5.77 11.45 -10.81
N ALA A 255 6.89 11.75 -10.15
CA ALA A 255 7.95 12.53 -10.80
C ALA A 255 8.55 11.77 -11.98
N GLN A 256 8.70 10.44 -11.83
CA GLN A 256 9.22 9.64 -12.94
C GLN A 256 8.23 9.57 -14.09
N LEU A 257 6.94 9.40 -13.78
CA LEU A 257 5.93 9.35 -14.84
C LEU A 257 5.89 10.67 -15.62
N ASP A 258 6.01 11.79 -14.92
CA ASP A 258 6.00 13.10 -15.57
C ASP A 258 7.26 13.39 -16.38
N GLY A 259 8.23 12.48 -16.40
CA GLY A 259 9.48 12.75 -17.08
C GLY A 259 10.29 13.90 -16.53
N LEU A 260 9.98 14.37 -15.31
CA LEU A 260 10.67 15.51 -14.73
C LEU A 260 12.12 15.16 -14.42
N ALA A 261 13.04 16.06 -14.79
CA ALA A 261 14.46 15.84 -14.50
C ALA A 261 14.75 15.99 -13.01
N ASP A 262 14.12 16.96 -12.36
CA ASP A 262 14.35 17.25 -10.95
C ASP A 262 13.03 17.12 -10.20
N PHE A 263 13.06 16.42 -9.07
CA PHE A 263 11.86 16.09 -8.32
C PHE A 263 11.61 17.12 -7.23
N PRO A 264 10.39 17.17 -6.68
CA PRO A 264 10.13 18.07 -5.54
C PRO A 264 10.62 17.53 -4.22
N VAL A 265 11.10 16.28 -4.18
CA VAL A 265 11.60 15.68 -2.95
C VAL A 265 13.03 15.21 -3.19
N PHE A 266 13.76 15.06 -2.09
CA PHE A 266 15.08 14.48 -2.15
C PHE A 266 14.97 13.01 -2.54
N THR A 267 16.03 12.49 -3.15
CA THR A 267 16.07 11.09 -3.57
C THR A 267 17.05 10.25 -2.75
N ARG A 268 17.85 10.87 -1.88
CA ARG A 268 18.73 10.16 -0.97
C ARG A 268 18.26 10.41 0.46
N LYS A 269 18.09 9.33 1.23
CA LYS A 269 17.53 9.46 2.57
C LYS A 269 18.40 10.35 3.44
N ILE A 270 19.72 10.26 3.27
CA ILE A 270 20.61 11.08 4.08
C ILE A 270 20.35 12.57 3.86
N HIS A 271 19.93 12.96 2.65
CA HIS A 271 19.64 14.36 2.39
C HIS A 271 18.41 14.82 3.16
N THR A 272 17.40 13.97 3.27
CA THR A 272 16.25 14.30 4.10
C THR A 272 16.65 14.44 5.56
N ASP A 273 17.55 13.57 6.03
CA ASP A 273 17.99 13.67 7.42
C ASP A 273 18.70 15.00 7.69
N VAL A 274 19.58 15.41 6.76
CA VAL A 274 20.27 16.69 6.91
C VAL A 274 19.26 17.84 6.85
N SER A 275 18.31 17.76 5.94
CA SER A 275 17.27 18.79 5.81
C SER A 275 16.46 18.92 7.10
N TYR A 276 16.08 17.78 7.70
CA TYR A 276 15.35 17.82 8.97
C TYR A 276 16.14 18.56 10.04
N ILE A 277 17.42 18.22 10.20
CA ILE A 277 18.21 18.84 11.26
C ILE A 277 18.40 20.33 10.99
N ALA A 278 18.66 20.69 9.73
CA ALA A 278 18.80 22.11 9.39
C ALA A 278 17.51 22.88 9.67
N CYS A 279 16.36 22.28 9.35
CA CYS A 279 15.09 22.95 9.59
C CYS A 279 14.76 23.00 11.08
N ALA A 280 15.21 21.99 11.84
CA ALA A 280 15.03 22.02 13.29
C ALA A 280 15.81 23.17 13.91
N ALA A 281 17.03 23.41 13.43
CA ALA A 281 17.79 24.55 13.92
C ALA A 281 17.06 25.86 13.66
N LYS A 282 16.44 25.98 12.48
CA LYS A 282 15.67 27.18 12.16
C LYS A 282 14.50 27.34 13.11
N LEU A 283 13.77 26.25 13.39
CA LEU A 283 12.63 26.31 14.29
C LEU A 283 13.03 26.62 15.73
N LEU A 284 14.14 26.03 16.20
CA LEU A 284 14.53 26.26 17.58
C LEU A 284 14.97 27.70 17.82
N ALA A 285 15.41 28.40 16.77
CA ALA A 285 15.76 29.81 16.89
C ALA A 285 14.54 30.72 16.88
N ALA A 286 13.35 30.17 16.64
CA ALA A 286 12.12 30.95 16.52
C ALA A 286 11.08 30.54 17.54
N THR A 287 11.48 29.97 18.68
CA THR A 287 10.46 29.48 19.60
C THR A 287 9.67 30.61 20.23
N ASP A 288 10.14 31.85 20.11
CA ASP A 288 9.32 32.98 20.56
C ASP A 288 8.01 33.06 19.78
N VAL A 289 8.06 32.78 18.48
CA VAL A 289 6.90 33.05 17.62
C VAL A 289 6.26 31.80 17.05
N VAL A 290 6.93 30.64 17.06
CA VAL A 290 6.27 29.40 16.66
C VAL A 290 6.47 28.36 17.76
N PHE A 291 5.62 27.34 17.73
CA PHE A 291 5.69 26.20 18.65
C PHE A 291 6.15 24.99 17.83
N PRO A 292 7.46 24.70 17.81
CA PRO A 292 7.94 23.55 17.05
C PRO A 292 7.51 22.22 17.67
N GLN A 293 7.13 21.29 16.79
CA GLN A 293 6.71 19.96 17.18
C GLN A 293 7.54 19.00 16.34
N PHE A 294 8.48 18.32 16.98
CA PHE A 294 9.46 17.50 16.26
C PHE A 294 8.95 16.07 16.21
N ALA A 295 8.38 15.72 15.06
CA ALA A 295 7.73 14.43 14.87
C ALA A 295 8.76 13.49 14.25
N THR A 296 9.19 12.48 15.01
CA THR A 296 10.19 11.52 14.53
C THR A 296 10.22 10.30 15.45
N HIS A 297 10.55 9.13 14.89
CA HIS A 297 10.84 7.93 15.67
C HIS A 297 12.32 7.58 15.68
N ASN A 298 13.17 8.46 15.15
CA ASN A 298 14.59 8.22 14.98
C ASN A 298 15.32 8.77 16.19
N ALA A 299 15.92 7.87 16.99
CA ALA A 299 16.58 8.28 18.23
C ALA A 299 17.76 9.20 17.99
N GLN A 300 18.44 9.09 16.84
CA GLN A 300 19.54 10.03 16.56
C GLN A 300 18.99 11.42 16.27
N THR A 301 17.90 11.49 15.50
CA THR A 301 17.27 12.77 15.20
C THR A 301 16.79 13.42 16.50
N LEU A 302 16.15 12.63 17.36
CA LEU A 302 15.63 13.14 18.63
C LEU A 302 16.76 13.66 19.52
N ALA A 303 17.83 12.86 19.67
CA ALA A 303 18.95 13.27 20.51
C ALA A 303 19.57 14.57 20.01
N ALA A 304 19.74 14.69 18.68
CA ALA A 304 20.30 15.90 18.10
C ALA A 304 19.46 17.12 18.47
N ILE A 305 18.15 17.02 18.30
CA ILE A 305 17.27 18.14 18.59
C ILE A 305 17.24 18.44 20.08
N TYR A 306 17.20 17.39 20.90
CA TYR A 306 17.21 17.57 22.36
C TYR A 306 18.39 18.41 22.80
N HIS A 307 19.57 18.16 22.23
CA HIS A 307 20.72 18.93 22.64
C HIS A 307 20.81 20.28 21.93
N MET A 308 20.34 20.36 20.68
CA MET A 308 20.29 21.64 19.99
C MET A 308 19.43 22.65 20.72
N ALA A 309 18.39 22.18 21.42
CA ALA A 309 17.44 23.08 22.07
C ALA A 309 18.03 23.75 23.30
N GLY A 310 19.14 23.26 23.82
CA GLY A 310 19.74 23.87 25.00
C GLY A 310 19.09 23.41 26.29
N LYS A 311 19.55 24.00 27.39
CA LYS A 311 19.11 23.58 28.71
C LYS A 311 17.80 24.23 29.15
N ASP A 312 17.45 25.37 28.59
CA ASP A 312 16.21 26.05 28.96
C ASP A 312 15.03 25.30 28.37
N PHE A 313 14.10 24.86 29.22
CA PHE A 313 12.87 24.28 28.72
C PHE A 313 11.70 24.64 29.61
N HIS A 314 10.54 24.84 28.98
CA HIS A 314 9.28 24.97 29.67
C HIS A 314 8.20 24.37 28.76
N VAL A 315 7.13 23.86 29.38
CA VAL A 315 6.01 23.37 28.59
C VAL A 315 5.48 24.50 27.73
N GLY A 316 5.32 24.24 26.44
CA GLY A 316 5.00 25.27 25.48
C GLY A 316 6.19 25.79 24.69
N LYS A 317 7.42 25.43 25.05
CA LYS A 317 8.54 25.88 24.24
C LYS A 317 8.62 25.07 22.94
N TYR A 318 8.67 23.74 23.06
CA TYR A 318 8.59 22.82 21.93
CA TYR A 318 8.55 22.83 21.93
C TYR A 318 8.09 21.49 22.48
N GLU A 319 7.77 20.56 21.58
CA GLU A 319 7.46 19.19 21.99
C GLU A 319 7.97 18.23 20.94
N PHE A 320 8.04 16.95 21.31
CA PHE A 320 8.22 15.90 20.31
C PHE A 320 6.85 15.32 19.96
N GLN A 321 6.80 14.54 18.87
CA GLN A 321 5.57 13.83 18.54
C GLN A 321 5.91 12.48 17.95
N CYS A 322 4.95 11.56 18.04
CA CYS A 322 5.14 10.22 17.50
C CYS A 322 3.80 9.66 17.04
N LEU A 323 3.84 8.61 16.22
CA LEU A 323 2.63 7.92 15.81
C LEU A 323 2.23 6.85 16.82
N HIS A 324 0.93 6.72 17.07
CA HIS A 324 0.42 5.63 17.90
C HIS A 324 0.87 4.28 17.35
N GLY A 325 1.39 3.43 18.24
CA GLY A 325 1.84 2.10 17.87
C GLY A 325 3.26 2.02 17.37
N MET A 326 3.93 3.15 17.17
CA MET A 326 5.30 3.20 16.70
C MET A 326 6.25 3.85 17.68
N GLY A 327 5.80 4.89 18.37
CA GLY A 327 6.73 5.74 19.09
C GLY A 327 6.82 5.47 20.57
N GLU A 328 5.90 4.68 21.12
CA GLU A 328 5.86 4.56 22.57
C GLU A 328 7.14 3.99 23.17
N PRO A 329 7.79 2.96 22.60
CA PRO A 329 9.01 2.45 23.23
C PRO A 329 10.15 3.46 23.28
N LEU A 330 10.33 4.24 22.23
CA LEU A 330 11.33 5.31 22.28
C LEU A 330 10.95 6.38 23.29
N TYR A 331 9.71 6.85 23.22
CA TYR A 331 9.38 8.02 24.03
C TYR A 331 9.12 7.67 25.49
N GLU A 332 8.95 6.40 25.84
CA GLU A 332 9.01 5.99 27.25
C GLU A 332 10.38 6.25 27.84
N GLU A 333 11.40 6.44 27.01
CA GLU A 333 12.73 6.80 27.44
C GLU A 333 12.98 8.30 27.40
N VAL A 334 11.93 9.09 27.16
CA VAL A 334 12.06 10.52 26.95
C VAL A 334 11.16 11.28 27.90
N VAL A 335 9.87 10.91 27.92
CA VAL A 335 8.93 11.65 28.76
CA VAL A 335 8.91 11.62 28.75
C VAL A 335 9.17 11.32 30.23
N GLY A 336 8.84 12.28 31.08
CA GLY A 336 8.89 11.98 32.50
C GLY A 336 10.18 12.43 33.18
N ARG A 337 10.09 12.57 34.50
CA ARG A 337 11.18 13.22 35.22
C ARG A 337 12.36 12.29 35.47
N GLY A 338 12.18 10.98 35.33
CA GLY A 338 13.29 10.07 35.42
C GLY A 338 14.02 9.85 34.11
N LYS A 339 13.59 10.52 33.04
CA LYS A 339 14.21 10.37 31.74
C LYS A 339 14.72 11.73 31.27
N LEU A 340 14.25 12.18 30.10
CA LEU A 340 14.70 13.47 29.57
C LEU A 340 13.73 14.63 29.91
N ASP A 341 12.56 14.35 30.48
CA ASP A 341 11.62 15.39 30.91
C ASP A 341 11.21 16.30 29.76
N ARG A 342 10.92 15.69 28.60
CA ARG A 342 10.38 16.44 27.50
C ARG A 342 9.04 15.81 27.09
N PRO A 343 8.06 16.60 26.72
CA PRO A 343 6.75 16.04 26.34
C PRO A 343 6.71 15.49 24.92
N CYS A 344 5.80 14.56 24.72
CA CYS A 344 5.57 13.97 23.41
C CYS A 344 4.07 13.87 23.16
N ARG A 345 3.63 14.31 21.97
CA ARG A 345 2.24 14.22 21.58
C ARG A 345 2.07 13.05 20.63
N ILE A 346 1.16 12.14 20.97
CA ILE A 346 0.90 10.93 20.19
C ILE A 346 -0.17 11.24 19.15
N TYR A 347 0.15 11.02 17.88
CA TYR A 347 -0.83 11.10 16.80
C TYR A 347 -1.67 9.84 16.84
N ALA A 348 -2.98 10.01 17.02
CA ALA A 348 -3.90 8.92 17.38
C ALA A 348 -4.98 8.75 16.33
N PRO A 349 -4.81 7.83 15.37
CA PRO A 349 -5.87 7.58 14.39
C PRO A 349 -7.10 6.97 15.05
N VAL A 350 -8.26 7.42 14.58
CA VAL A 350 -9.56 7.01 15.10
C VAL A 350 -10.45 6.69 13.91
N GLY A 351 -10.99 5.48 13.87
CA GLY A 351 -11.88 5.14 12.79
C GLY A 351 -12.00 3.64 12.65
N THR A 352 -12.82 3.26 11.67
CA THR A 352 -12.99 1.86 11.35
C THR A 352 -11.77 1.34 10.60
N HIS A 353 -11.67 0.00 10.55
CA HIS A 353 -10.57 -0.62 9.81
C HIS A 353 -10.55 -0.18 8.35
N GLU A 354 -11.73 0.05 7.75
CA GLU A 354 -11.79 0.42 6.34
C GLU A 354 -11.22 1.81 6.09
N THR A 355 -11.52 2.78 6.95
CA THR A 355 -10.93 4.09 6.75
C THR A 355 -9.43 4.09 7.09
N LEU A 356 -8.95 3.04 7.75
CA LEU A 356 -7.56 2.95 8.14
C LEU A 356 -6.64 2.54 6.99
N LEU A 357 -7.18 1.89 5.95
CA LEU A 357 -6.34 1.21 4.95
C LEU A 357 -5.28 2.13 4.33
N ALA A 358 -5.67 3.33 3.88
CA ALA A 358 -4.71 4.16 3.15
C ALA A 358 -3.56 4.59 4.06
N TYR A 359 -3.88 5.00 5.29
CA TYR A 359 -2.87 5.25 6.30
C TYR A 359 -2.00 4.03 6.53
N LEU A 360 -2.61 2.84 6.60
CA LEU A 360 -1.84 1.62 6.84
C LEU A 360 -0.80 1.38 5.76
N VAL A 361 -1.14 1.62 4.50
CA VAL A 361 -0.18 1.41 3.41
C VAL A 361 1.06 2.27 3.62
N ARG A 362 0.87 3.53 4.01
CA ARG A 362 2.02 4.38 4.22
C ARG A 362 2.82 3.92 5.45
N ARG A 363 2.16 3.34 6.46
CA ARG A 363 2.90 2.75 7.58
C ARG A 363 3.70 1.53 7.14
N LEU A 364 3.18 0.76 6.19
CA LEU A 364 3.95 -0.36 5.68
C LEU A 364 5.20 0.12 4.93
N LEU A 365 5.04 1.12 4.07
CA LEU A 365 6.19 1.68 3.36
C LEU A 365 7.20 2.27 4.32
N GLU A 366 6.74 2.84 5.44
CA GLU A 366 7.65 3.40 6.43
C GLU A 366 8.35 2.30 7.23
N ASN A 367 7.58 1.34 7.76
CA ASN A 367 8.16 0.32 8.61
C ASN A 367 8.98 -0.70 7.83
N GLY A 368 8.63 -0.96 6.58
CA GLY A 368 9.30 -2.02 5.86
C GLY A 368 10.53 -1.62 5.07
N ALA A 369 10.81 -0.32 4.98
CA ALA A 369 11.94 0.12 4.17
C ALA A 369 13.24 -0.14 4.90
N ASN A 370 14.20 -0.74 4.19
CA ASN A 370 15.49 -1.02 4.81
C ASN A 370 16.18 0.26 5.30
N SER A 371 15.85 1.41 4.73
CA SER A 371 16.44 2.69 5.14
C SER A 371 15.81 3.28 6.41
N SER A 372 14.65 2.78 6.83
CA SER A 372 13.94 3.39 7.96
C SER A 372 14.57 3.02 9.30
N PHE A 373 14.66 4.02 10.19
CA PHE A 373 15.18 3.78 11.53
C PHE A 373 14.47 2.63 12.21
N VAL A 374 13.13 2.60 12.10
CA VAL A 374 12.41 1.57 12.85
C VAL A 374 12.67 0.18 12.30
N HIS A 375 13.13 0.07 11.04
CA HIS A 375 13.54 -1.23 10.52
C HIS A 375 14.96 -1.56 10.94
N ARG A 376 15.85 -0.56 10.85
CA ARG A 376 17.26 -0.76 11.16
C ARG A 376 17.48 -1.11 12.63
N ILE A 377 16.63 -0.60 13.53
CA ILE A 377 16.80 -0.87 14.96
C ILE A 377 16.67 -2.36 15.26
N ASN A 378 16.01 -3.13 14.39
CA ASN A 378 15.85 -4.57 14.53
C ASN A 378 16.81 -5.36 13.65
N ASP A 379 17.62 -4.68 12.85
CA ASP A 379 18.44 -5.35 11.86
C ASP A 379 19.75 -5.79 12.49
N PRO A 380 20.03 -7.09 12.63
CA PRO A 380 21.29 -7.50 13.26
C PRO A 380 22.53 -7.08 12.51
N LYS A 381 22.41 -6.70 11.23
CA LYS A 381 23.57 -6.25 10.46
C LYS A 381 23.89 -4.78 10.67
N VAL A 382 23.08 -4.05 11.45
CA VAL A 382 23.26 -2.61 11.66
C VAL A 382 23.74 -2.38 13.09
N SER A 383 24.94 -1.83 13.23
CA SER A 383 25.55 -1.57 14.52
C SER A 383 24.95 -0.32 15.16
N ILE A 384 25.10 -0.23 16.49
CA ILE A 384 24.70 1.00 17.18
C ILE A 384 25.52 2.17 16.68
N ASP A 385 26.81 1.93 16.39
CA ASP A 385 27.69 2.97 15.85
C ASP A 385 27.07 3.62 14.62
N GLU A 386 26.55 2.79 13.71
CA GLU A 386 25.91 3.31 12.50
C GLU A 386 24.63 4.08 12.83
N LEU A 387 23.85 3.60 13.80
CA LEU A 387 22.58 4.26 14.12
C LEU A 387 22.77 5.63 14.75
N ILE A 388 23.90 5.86 15.43
CA ILE A 388 24.14 7.16 16.05
C ILE A 388 24.99 8.07 15.16
N ALA A 389 25.22 7.67 13.90
CA ALA A 389 26.00 8.50 12.99
C ALA A 389 25.30 9.83 12.75
N ASP A 390 26.10 10.89 12.73
CA ASP A 390 25.58 12.22 12.44
C ASP A 390 25.42 12.40 10.94
N PRO A 391 24.20 12.67 10.43
CA PRO A 391 24.00 12.79 8.97
C PRO A 391 24.97 13.72 8.25
N VAL A 392 25.34 14.87 8.84
CA VAL A 392 26.27 15.76 8.16
C VAL A 392 27.63 15.10 7.96
N GLU A 393 28.13 14.45 9.01
CA GLU A 393 29.43 13.80 8.92
C GLU A 393 29.43 12.61 7.99
N VAL A 394 28.25 12.10 7.63
CA VAL A 394 28.13 10.97 6.71
C VAL A 394 27.83 11.41 5.29
N VAL A 395 27.33 12.62 5.09
CA VAL A 395 26.87 13.07 3.77
C VAL A 395 28.03 13.67 2.98
N SER B 1 -12.48 -11.67 -43.18
CA SER B 1 -12.33 -10.72 -42.08
C SER B 1 -10.94 -10.83 -41.45
N ARG B 2 -10.57 -9.87 -40.60
CA ARG B 2 -9.32 -9.99 -39.86
C ARG B 2 -9.35 -11.27 -39.03
N PRO B 3 -8.21 -11.94 -38.86
CA PRO B 3 -8.18 -13.17 -38.07
C PRO B 3 -8.77 -12.96 -36.68
N GLN B 4 -9.74 -13.82 -36.32
CA GLN B 4 -10.41 -13.78 -35.03
C GLN B 4 -11.13 -12.46 -34.79
N SER B 5 -11.55 -11.83 -35.90
CA SER B 5 -12.25 -10.55 -35.86
C SER B 5 -13.33 -10.52 -34.79
N THR B 6 -14.24 -11.51 -34.81
CA THR B 6 -15.40 -11.46 -33.92
C THR B 6 -14.97 -11.58 -32.46
N LEU B 7 -14.05 -12.50 -32.17
CA LEU B 7 -13.58 -12.66 -30.80
C LEU B 7 -12.84 -11.42 -30.32
N ARG B 8 -12.04 -10.82 -31.19
CA ARG B 8 -11.27 -9.64 -30.80
C ARG B 8 -12.18 -8.44 -30.63
N ARG B 9 -13.19 -8.30 -31.50
CA ARG B 9 -14.14 -7.21 -31.37
C ARG B 9 -14.92 -7.29 -30.06
N ALA B 10 -15.21 -8.51 -29.59
CA ALA B 10 -15.97 -8.66 -28.36
C ALA B 10 -15.17 -8.22 -27.15
N ILE B 11 -13.86 -8.46 -27.15
CA ILE B 11 -13.01 -8.02 -26.05
C ILE B 11 -12.99 -6.49 -26.01
N THR B 12 -12.73 -5.86 -27.16
CA THR B 12 -12.69 -4.41 -27.22
C THR B 12 -14.02 -3.80 -26.82
N ALA B 13 -15.13 -4.42 -27.23
CA ALA B 13 -16.45 -3.85 -26.91
C ALA B 13 -16.72 -3.87 -25.41
N ALA B 14 -16.20 -4.88 -24.71
CA ALA B 14 -16.47 -5.00 -23.27
C ALA B 14 -15.60 -4.07 -22.43
N TYR B 15 -14.49 -3.57 -23.00
CA TYR B 15 -13.46 -2.87 -22.24
C TYR B 15 -14.03 -1.94 -21.16
N ARG B 16 -14.91 -1.03 -21.57
CA ARG B 16 -15.54 -0.09 -20.66
C ARG B 16 -17.06 -0.10 -20.80
N ARG B 17 -17.62 -1.28 -21.11
CA ARG B 17 -19.07 -1.44 -21.17
C ARG B 17 -19.68 -1.16 -19.79
N PRO B 18 -20.85 -0.53 -19.73
CA PRO B 18 -21.44 -0.23 -18.42
C PRO B 18 -21.60 -1.48 -17.56
N GLU B 19 -21.26 -1.34 -16.27
CA GLU B 19 -21.29 -2.45 -15.34
C GLU B 19 -22.66 -3.15 -15.33
N THR B 20 -23.74 -2.37 -15.34
CA THR B 20 -25.08 -2.95 -15.34
C THR B 20 -25.35 -3.81 -16.56
N GLU B 21 -24.73 -3.49 -17.71
CA GLU B 21 -24.90 -4.31 -18.91
C GLU B 21 -24.03 -5.57 -18.89
N CYS B 22 -22.93 -5.57 -18.13
CA CYS B 22 -22.07 -6.75 -18.07
C CYS B 22 -22.67 -7.87 -17.23
N LEU B 23 -23.53 -7.54 -16.25
CA LEU B 23 -23.85 -8.51 -15.22
C LEU B 23 -24.87 -9.58 -15.59
N PRO B 24 -25.94 -9.28 -16.33
CA PRO B 24 -26.99 -10.30 -16.55
C PRO B 24 -26.45 -11.60 -17.14
N PRO B 25 -25.62 -11.55 -18.21
CA PRO B 25 -25.09 -12.84 -18.70
C PRO B 25 -24.24 -13.56 -17.68
N LEU B 26 -23.50 -12.84 -16.84
CA LEU B 26 -22.64 -13.49 -15.86
C LEU B 26 -23.48 -14.15 -14.77
N VAL B 27 -24.56 -13.49 -14.33
CA VAL B 27 -25.41 -14.06 -13.30
C VAL B 27 -26.04 -15.35 -13.78
N GLU B 28 -26.52 -15.37 -15.02
CA GLU B 28 -27.13 -16.59 -15.55
C GLU B 28 -26.10 -17.70 -15.68
N ALA B 29 -24.89 -17.38 -16.15
CA ALA B 29 -23.84 -18.38 -16.24
C ALA B 29 -23.39 -18.86 -14.85
N ALA B 30 -23.50 -18.01 -13.83
CA ALA B 30 -23.07 -18.34 -12.47
C ALA B 30 -24.15 -19.04 -11.65
N THR B 31 -25.36 -19.19 -12.18
CA THR B 31 -26.44 -19.83 -11.43
C THR B 31 -26.21 -21.33 -11.35
N GLN B 32 -26.38 -21.88 -10.15
CA GLN B 32 -26.28 -23.32 -9.94
C GLN B 32 -27.54 -23.84 -9.27
N SER B 33 -27.78 -25.14 -9.45
CA SER B 33 -28.98 -25.76 -8.90
C SER B 33 -29.00 -25.65 -7.38
N LYS B 34 -30.20 -25.79 -6.83
CA LYS B 34 -30.38 -25.78 -5.39
C LYS B 34 -29.57 -26.89 -4.72
N GLU B 35 -29.55 -28.08 -5.34
CA GLU B 35 -28.80 -29.20 -4.77
C GLU B 35 -27.31 -28.86 -4.66
N ILE B 36 -26.74 -28.29 -5.72
CA ILE B 36 -25.33 -27.91 -5.71
C ILE B 36 -25.07 -26.81 -4.69
N ARG B 37 -26.01 -25.86 -4.57
CA ARG B 37 -25.81 -24.76 -3.63
C ARG B 37 -25.83 -25.24 -2.18
N ASP B 38 -26.72 -26.19 -1.86
CA ASP B 38 -26.76 -26.75 -0.51
C ASP B 38 -25.48 -27.53 -0.22
N ALA B 39 -25.00 -28.31 -1.18
CA ALA B 39 -23.78 -29.08 -1.00
C ALA B 39 -22.57 -28.17 -0.86
N ALA B 40 -22.50 -27.11 -1.68
CA ALA B 40 -21.40 -26.16 -1.57
C ALA B 40 -21.43 -25.44 -0.23
N ALA B 41 -22.62 -25.05 0.23
CA ALA B 41 -22.72 -24.38 1.53
C ALA B 41 -22.19 -25.28 2.64
N SER B 42 -22.51 -26.58 2.59
CA SER B 42 -22.02 -27.51 3.60
C SER B 42 -20.51 -27.68 3.52
N THR B 43 -19.98 -27.80 2.29
CA THR B 43 -18.53 -27.87 2.12
C THR B 43 -17.86 -26.61 2.63
N ALA B 44 -18.40 -25.44 2.28
CA ALA B 44 -17.78 -24.18 2.72
C ALA B 44 -17.82 -24.07 4.23
N ARG B 45 -18.93 -24.46 4.85
CA ARG B 45 -19.02 -24.43 6.31
C ARG B 45 -17.95 -25.32 6.93
N LYS B 46 -17.79 -26.53 6.39
CA LYS B 46 -16.77 -27.43 6.90
C LYS B 46 -15.36 -26.83 6.78
N LEU B 47 -15.06 -26.21 5.63
CA LEU B 47 -13.73 -25.64 5.42
C LEU B 47 -13.44 -24.53 6.42
N ILE B 48 -14.43 -23.66 6.65
CA ILE B 48 -14.23 -22.55 7.57
C ILE B 48 -14.09 -23.03 9.01
N GLU B 49 -14.94 -23.98 9.42
CA GLU B 49 -14.85 -24.46 10.79
C GLU B 49 -13.54 -25.21 11.02
N ALA B 50 -13.00 -25.85 9.98
CA ALA B 50 -11.70 -26.52 10.12
C ALA B 50 -10.57 -25.50 10.18
N LEU B 51 -10.63 -24.48 9.32
CA LEU B 51 -9.69 -23.36 9.32
C LEU B 51 -9.43 -22.88 10.74
N ARG B 52 -10.46 -22.30 11.35
CA ARG B 52 -10.42 -21.96 12.76
C ARG B 52 -10.31 -23.23 13.59
N GLY B 53 -9.56 -23.16 14.68
CA GLY B 53 -9.50 -24.29 15.58
C GLY B 53 -8.42 -25.29 15.25
N LYS B 54 -8.05 -25.42 13.98
CA LYS B 54 -6.69 -25.86 13.71
C LYS B 54 -5.71 -24.72 13.84
N HIS B 55 -6.20 -23.47 13.90
CA HIS B 55 -5.37 -22.29 14.04
C HIS B 55 -5.91 -21.37 15.12
N SER B 56 -6.33 -21.95 16.24
CA SER B 56 -6.73 -21.24 17.46
C SER B 56 -7.89 -20.27 17.22
N GLY B 57 -8.79 -20.62 16.32
CA GLY B 57 -9.93 -19.78 16.03
C GLY B 57 -9.69 -18.68 15.02
N SER B 58 -8.46 -18.55 14.51
CA SER B 58 -8.14 -17.52 13.54
C SER B 58 -8.20 -18.07 12.11
N GLY B 66 6.88 -8.42 6.12
CA GLY B 66 5.95 -9.48 5.74
C GLY B 66 6.66 -10.75 5.28
N GLU B 67 7.49 -11.31 6.16
CA GLU B 67 8.30 -12.45 5.79
C GLU B 67 7.49 -13.71 5.52
N GLN B 68 6.24 -13.76 6.00
CA GLN B 68 5.45 -14.96 5.78
C GLN B 68 5.01 -15.12 4.33
N PHE B 69 5.20 -14.10 3.50
CA PHE B 69 4.82 -14.17 2.09
C PHE B 69 5.93 -14.60 1.16
N VAL B 70 7.16 -14.70 1.65
CA VAL B 70 8.30 -15.03 0.81
C VAL B 70 8.81 -16.40 1.20
N THR B 71 9.05 -17.25 0.21
CA THR B 71 9.48 -18.62 0.46
C THR B 71 10.99 -18.76 0.61
N GLY B 72 11.76 -17.81 0.11
CA GLY B 72 13.20 -17.86 0.26
C GLY B 72 13.81 -16.64 -0.40
N GLU B 73 15.06 -16.37 0.00
CA GLU B 73 15.79 -15.25 -0.57
C GLU B 73 16.36 -15.58 -1.95
N THR B 74 16.66 -16.86 -2.19
CA THR B 74 17.16 -17.34 -3.47
C THR B 74 16.32 -18.53 -3.91
N ILE B 75 16.43 -18.87 -5.19
CA ILE B 75 15.62 -19.98 -5.70
C ILE B 75 16.09 -21.30 -5.12
N ARG B 76 17.40 -21.44 -4.85
CA ARG B 76 17.91 -22.65 -4.22
C ARG B 76 17.31 -22.82 -2.83
N GLU B 77 17.23 -21.73 -2.07
CA GLU B 77 16.62 -21.77 -0.75
C GLU B 77 15.12 -22.07 -0.84
N ALA B 78 14.43 -21.48 -1.80
CA ALA B 78 12.99 -21.72 -1.95
C ALA B 78 12.70 -23.17 -2.35
N LEU B 79 13.53 -23.74 -3.22
CA LEU B 79 13.31 -25.12 -3.64
C LEU B 79 13.53 -26.10 -2.50
N LYS B 80 14.54 -25.84 -1.66
CA LYS B 80 14.73 -26.66 -0.48
C LYS B 80 13.51 -26.63 0.44
N ARG B 81 12.89 -25.45 0.59
CA ARG B 81 11.79 -25.30 1.53
C ARG B 81 10.47 -25.86 1.01
N SER B 82 10.42 -26.28 -0.26
CA SER B 82 9.17 -26.80 -0.84
C SER B 82 8.94 -28.27 -0.55
N LYS B 83 9.95 -29.00 -0.08
CA LYS B 83 9.85 -30.47 0.02
C LYS B 83 8.66 -30.89 0.87
N GLU B 84 8.47 -30.26 2.02
CA GLU B 84 7.44 -30.67 2.97
C GLU B 84 6.04 -30.68 2.34
N LEU B 85 5.64 -29.56 1.74
CA LEU B 85 4.28 -29.50 1.21
C LEU B 85 4.14 -30.26 -0.10
N GLU B 86 5.22 -30.42 -0.87
CA GLU B 86 5.13 -31.27 -2.05
C GLU B 86 4.86 -32.72 -1.68
N GLU B 87 5.45 -33.16 -0.56
CA GLU B 87 5.23 -34.53 -0.10
C GLU B 87 3.76 -34.78 0.25
N LYS B 88 3.05 -33.74 0.67
CA LYS B 88 1.63 -33.81 0.98
C LYS B 88 0.74 -33.68 -0.25
N GLY B 89 1.29 -33.30 -1.39
CA GLY B 89 0.52 -33.21 -2.62
C GLY B 89 0.32 -31.80 -3.15
N PHE B 90 0.91 -30.79 -2.53
CA PHE B 90 0.94 -29.45 -3.13
C PHE B 90 1.97 -29.40 -4.25
N SER B 91 1.80 -28.42 -5.15
CA SER B 91 2.85 -28.07 -6.10
C SER B 91 3.19 -26.60 -5.92
N TYR B 92 4.14 -26.11 -6.73
CA TYR B 92 4.65 -24.75 -6.60
C TYR B 92 4.74 -24.02 -7.93
N SER B 93 4.58 -22.70 -7.86
CA SER B 93 4.89 -21.79 -8.96
C SER B 93 5.76 -20.69 -8.37
N TYR B 94 7.03 -20.65 -8.77
CA TYR B 94 7.97 -19.70 -8.18
C TYR B 94 7.97 -18.40 -8.96
N ASP B 95 8.05 -17.30 -8.22
CA ASP B 95 8.11 -15.96 -8.80
C ASP B 95 9.33 -15.25 -8.25
N MET B 96 10.29 -14.97 -9.11
CA MET B 96 11.42 -14.12 -8.76
C MET B 96 10.90 -12.69 -8.65
N LEU B 97 10.78 -12.19 -7.42
CA LEU B 97 10.16 -10.90 -7.19
C LEU B 97 10.83 -9.82 -8.02
N GLY B 98 10.01 -8.97 -8.63
CA GLY B 98 10.48 -7.87 -9.45
C GLY B 98 9.45 -7.51 -10.49
N GLU B 99 9.31 -6.21 -10.77
CA GLU B 99 8.33 -5.77 -11.76
C GLU B 99 8.66 -4.34 -12.13
N ALA B 100 7.97 -3.84 -13.14
CA ALA B 100 8.01 -2.43 -13.50
C ALA B 100 9.45 -1.94 -13.65
N ALA B 101 10.23 -2.68 -14.45
CA ALA B 101 11.59 -2.28 -14.73
C ALA B 101 11.63 -0.85 -15.26
N THR B 102 12.48 -0.03 -14.65
CA THR B 102 12.61 1.37 -15.06
C THR B 102 13.79 1.61 -15.97
N THR B 103 14.70 0.65 -16.10
CA THR B 103 15.88 0.79 -16.95
C THR B 103 16.04 -0.45 -17.81
N ALA B 104 16.76 -0.29 -18.92
CA ALA B 104 17.08 -1.44 -19.76
C ALA B 104 17.99 -2.42 -19.02
N ALA B 105 18.92 -1.90 -18.21
CA ALA B 105 19.78 -2.77 -17.41
C ALA B 105 18.97 -3.55 -16.39
N ASP B 106 17.99 -2.92 -15.76
CA ASP B 106 17.14 -3.64 -14.81
C ASP B 106 16.34 -4.74 -15.49
N ALA B 107 15.78 -4.44 -16.68
CA ALA B 107 15.07 -5.47 -17.43
C ALA B 107 15.97 -6.65 -17.74
N GLU B 108 17.24 -6.38 -18.06
CA GLU B 108 18.20 -7.45 -18.33
C GLU B 108 18.47 -8.27 -17.08
N ARG B 109 18.58 -7.61 -15.92
CA ARG B 109 18.81 -8.34 -14.68
C ARG B 109 17.65 -9.27 -14.37
N TYR B 110 16.42 -8.79 -14.54
CA TYR B 110 15.26 -9.63 -14.27
C TYR B 110 15.22 -10.82 -15.21
N TYR B 111 15.55 -10.61 -16.49
CA TYR B 111 15.57 -11.72 -17.43
C TYR B 111 16.56 -12.79 -16.99
N ARG B 112 17.76 -12.38 -16.57
CA ARG B 112 18.74 -13.35 -16.10
C ARG B 112 18.28 -14.05 -14.82
N ASP B 113 17.52 -13.38 -13.96
CA ASP B 113 16.97 -14.04 -12.78
C ASP B 113 15.97 -15.12 -13.17
N TYR B 114 15.05 -14.79 -14.07
CA TYR B 114 14.10 -15.79 -14.56
C TYR B 114 14.84 -16.95 -15.23
N GLU B 115 15.82 -16.64 -16.07
CA GLU B 115 16.53 -17.68 -16.81
C GLU B 115 17.24 -18.64 -15.86
N SER B 116 17.99 -18.09 -14.90
CA SER B 116 18.61 -18.91 -13.87
C SER B 116 17.58 -19.74 -13.12
N ALA B 117 16.43 -19.13 -12.80
CA ALA B 117 15.44 -19.84 -11.99
C ALA B 117 14.84 -21.02 -12.76
N ILE B 118 14.65 -20.88 -14.08
CA ILE B 118 14.10 -21.99 -14.85
C ILE B 118 15.04 -23.18 -14.85
N HIS B 119 16.36 -22.95 -14.98
CA HIS B 119 17.31 -24.04 -14.89
C HIS B 119 17.20 -24.75 -13.54
N ALA B 120 17.12 -23.97 -12.46
CA ALA B 120 17.07 -24.54 -11.12
C ALA B 120 15.76 -25.29 -10.88
N ILE B 121 14.64 -24.66 -11.24
CA ILE B 121 13.33 -25.28 -11.07
C ILE B 121 13.22 -26.52 -11.96
N GLY B 122 13.72 -26.41 -13.20
CA GLY B 122 13.70 -27.55 -14.10
C GLY B 122 14.49 -28.74 -13.60
N LYS B 123 15.65 -28.48 -12.97
CA LYS B 123 16.41 -29.59 -12.40
C LYS B 123 15.68 -30.20 -11.22
N ALA B 124 15.08 -29.37 -10.36
CA ALA B 124 14.33 -29.88 -9.23
C ALA B 124 13.10 -30.64 -9.67
N SER B 125 12.46 -30.21 -10.77
CA SER B 125 11.30 -30.92 -11.30
C SER B 125 11.65 -32.36 -11.66
N ALA B 126 12.81 -32.56 -12.28
CA ALA B 126 13.34 -33.89 -12.52
C ALA B 126 12.34 -34.75 -13.30
N GLY B 127 11.67 -34.14 -14.27
CA GLY B 127 10.77 -34.86 -15.15
C GLY B 127 9.37 -35.09 -14.63
N ARG B 128 8.98 -34.43 -13.54
CA ARG B 128 7.62 -34.60 -13.02
C ARG B 128 6.55 -34.01 -13.92
N GLY B 129 6.91 -33.16 -14.87
CA GLY B 129 5.93 -32.62 -15.79
C GLY B 129 5.24 -31.37 -15.29
N ILE B 130 4.39 -30.82 -16.15
CA ILE B 130 3.82 -29.50 -15.89
C ILE B 130 2.73 -29.50 -14.84
N TYR B 131 2.07 -30.64 -14.58
CA TYR B 131 0.99 -30.66 -13.60
C TYR B 131 1.49 -31.06 -12.22
N GLU B 132 2.32 -32.08 -12.12
CA GLU B 132 2.77 -32.53 -10.81
C GLU B 132 4.04 -31.83 -10.36
N GLY B 133 4.84 -31.32 -11.28
CA GLY B 133 6.09 -30.68 -10.94
C GLY B 133 5.94 -29.17 -10.82
N PRO B 134 7.01 -28.51 -10.37
CA PRO B 134 6.95 -27.06 -10.16
C PRO B 134 7.02 -26.30 -11.47
N GLY B 135 6.60 -25.04 -11.41
CA GLY B 135 6.69 -24.15 -12.54
C GLY B 135 7.14 -22.76 -12.13
N ILE B 136 7.12 -21.82 -13.07
CA ILE B 136 7.57 -20.47 -12.83
C ILE B 136 6.49 -19.51 -13.29
N SER B 137 6.44 -18.33 -12.65
CA SER B 137 5.56 -17.24 -13.06
C SER B 137 6.43 -16.01 -13.35
N ILE B 138 6.07 -15.26 -14.41
CA ILE B 138 6.82 -14.07 -14.77
C ILE B 138 5.86 -12.89 -14.91
N LYS B 139 6.42 -11.69 -14.76
CA LYS B 139 5.70 -10.45 -15.02
C LYS B 139 6.33 -9.76 -16.22
N LEU B 140 5.52 -9.47 -17.24
CA LEU B 140 6.06 -8.83 -18.44
C LEU B 140 6.64 -7.45 -18.15
N SER B 141 6.15 -6.77 -17.10
CA SER B 141 6.68 -5.44 -16.80
C SER B 141 8.11 -5.51 -16.28
N ALA B 142 8.56 -6.68 -15.82
CA ALA B 142 9.94 -6.87 -15.43
C ALA B 142 10.89 -6.92 -16.62
N LEU B 143 10.39 -7.25 -17.81
CA LEU B 143 11.24 -7.58 -18.94
C LEU B 143 11.32 -6.50 -20.01
N HIS B 144 10.54 -5.43 -19.90
CA HIS B 144 10.69 -4.30 -20.80
C HIS B 144 10.80 -3.02 -19.97
N PRO B 145 11.78 -2.15 -20.26
CA PRO B 145 12.08 -1.04 -19.34
C PRO B 145 11.04 0.08 -19.31
N ARG B 146 10.13 0.16 -20.27
CA ARG B 146 9.05 1.13 -20.20
C ARG B 146 7.75 0.45 -20.60
N TYR B 147 7.46 -0.66 -19.91
CA TYR B 147 6.36 -1.53 -20.32
C TYR B 147 5.04 -0.77 -20.40
N SER B 148 4.74 0.05 -19.40
CA SER B 148 3.44 0.71 -19.40
C SER B 148 3.42 1.98 -20.23
N ARG B 149 4.55 2.45 -20.76
CA ARG B 149 4.63 3.73 -21.42
C ARG B 149 4.85 3.65 -22.93
N ALA B 150 5.46 2.57 -23.42
CA ALA B 150 5.90 2.55 -24.81
C ALA B 150 4.84 1.98 -25.73
N GLN B 151 4.96 2.32 -27.02
CA GLN B 151 4.02 1.84 -28.02
C GLN B 151 4.06 0.32 -28.12
N ALA B 152 2.91 -0.27 -28.44
CA ALA B 152 2.80 -1.73 -28.50
C ALA B 152 3.80 -2.33 -29.49
N ALA B 153 4.07 -1.62 -30.59
CA ALA B 153 5.03 -2.11 -31.57
C ALA B 153 6.40 -2.32 -30.94
N ARG B 154 6.91 -1.31 -30.24
CA ARG B 154 8.25 -1.41 -29.68
C ARG B 154 8.30 -2.43 -28.56
N VAL B 155 7.31 -2.42 -27.65
CA VAL B 155 7.30 -3.34 -26.52
C VAL B 155 7.24 -4.78 -27.03
N MET B 156 6.28 -5.08 -27.91
CA MET B 156 6.14 -6.44 -28.44
C MET B 156 7.44 -6.93 -29.07
N GLY B 157 7.99 -6.14 -30.00
CA GLY B 157 9.15 -6.60 -30.76
C GLY B 157 10.37 -6.86 -29.92
N GLU B 158 10.50 -6.19 -28.78
CA GLU B 158 11.62 -6.46 -27.89
C GLU B 158 11.30 -7.51 -26.84
N LEU B 159 10.04 -7.56 -26.39
CA LEU B 159 9.63 -8.49 -25.36
C LEU B 159 9.53 -9.92 -25.90
N LEU B 160 8.98 -10.07 -27.10
CA LEU B 160 8.71 -11.40 -27.64
C LEU B 160 9.93 -12.31 -27.69
N PRO B 161 11.11 -11.87 -28.17
CA PRO B 161 12.26 -12.79 -28.17
C PRO B 161 12.69 -13.21 -26.77
N ARG B 162 12.56 -12.32 -25.78
CA ARG B 162 12.94 -12.66 -24.41
C ARG B 162 11.97 -13.66 -23.80
N VAL B 163 10.67 -13.47 -24.01
CA VAL B 163 9.71 -14.42 -23.47
C VAL B 163 9.79 -15.75 -24.20
N LYS B 164 10.01 -15.71 -25.53
CA LYS B 164 10.18 -16.96 -26.25
C LYS B 164 11.41 -17.73 -25.76
N ALA B 165 12.51 -17.03 -25.52
CA ALA B 165 13.70 -17.69 -25.00
C ALA B 165 13.42 -18.34 -23.65
N LEU B 166 12.68 -17.67 -22.78
CA LEU B 166 12.33 -18.25 -21.48
C LEU B 166 11.40 -19.43 -21.65
N ALA B 167 10.44 -19.32 -22.57
CA ALA B 167 9.52 -20.42 -22.83
C ALA B 167 10.27 -21.62 -23.40
N LEU B 168 11.26 -21.39 -24.26
CA LEU B 168 12.03 -22.51 -24.81
C LEU B 168 12.77 -23.26 -23.70
N LEU B 169 13.34 -22.54 -22.75
CA LEU B 169 13.96 -23.19 -21.59
C LEU B 169 12.95 -23.99 -20.80
N ALA B 170 11.78 -23.40 -20.55
CA ALA B 170 10.76 -24.12 -19.79
C ALA B 170 10.28 -25.36 -20.55
N LYS B 171 10.17 -25.26 -21.89
CA LYS B 171 9.83 -26.44 -22.67
C LYS B 171 10.90 -27.52 -22.49
N ASN B 172 12.18 -27.12 -22.51
CA ASN B 172 13.26 -28.11 -22.47
C ASN B 172 13.27 -28.88 -21.14
N TYR B 173 12.72 -28.31 -20.08
CA TYR B 173 12.63 -29.01 -18.80
C TYR B 173 11.23 -29.55 -18.52
N ASP B 174 10.25 -29.22 -19.38
CA ASP B 174 8.84 -29.60 -19.25
C ASP B 174 8.26 -29.11 -17.92
N ILE B 175 8.38 -27.81 -17.69
CA ILE B 175 7.76 -27.15 -16.54
C ILE B 175 6.80 -26.09 -17.06
N GLY B 176 5.95 -25.61 -16.15
CA GLY B 176 5.02 -24.55 -16.50
C GLY B 176 5.68 -23.18 -16.47
N LEU B 177 5.20 -22.31 -17.34
CA LEU B 177 5.65 -20.93 -17.40
C LEU B 177 4.40 -20.06 -17.51
N ASN B 178 4.06 -19.35 -16.45
CA ASN B 178 2.83 -18.56 -16.41
C ASN B 178 3.13 -17.07 -16.58
N ILE B 179 2.34 -16.41 -17.41
CA ILE B 179 2.41 -14.94 -17.52
C ILE B 179 1.40 -14.33 -16.54
N ASP B 180 1.89 -13.65 -15.51
CA ASP B 180 1.00 -12.98 -14.56
C ASP B 180 0.26 -11.83 -15.24
N ALA B 181 -0.91 -11.49 -14.70
CA ALA B 181 -1.70 -10.37 -15.20
C ALA B 181 -1.44 -9.15 -14.34
N GLU B 182 -1.26 -8.00 -14.98
CA GLU B 182 -0.95 -6.78 -14.25
C GLU B 182 -2.05 -5.76 -14.48
N GLU B 183 -1.69 -4.53 -14.83
CA GLU B 183 -2.71 -3.50 -14.96
C GLU B 183 -3.58 -3.72 -16.20
N ALA B 184 -4.82 -3.24 -16.11
CA ALA B 184 -5.79 -3.42 -17.18
C ALA B 184 -5.30 -2.92 -18.53
N ASP B 185 -4.48 -1.86 -18.55
CA ASP B 185 -4.09 -1.32 -19.85
C ASP B 185 -3.05 -2.16 -20.58
N ARG B 186 -2.54 -3.23 -19.97
CA ARG B 186 -1.57 -4.09 -20.65
C ARG B 186 -2.16 -5.46 -20.98
N LEU B 187 -3.46 -5.65 -20.76
CA LEU B 187 -4.10 -6.93 -21.11
C LEU B 187 -3.95 -7.23 -22.59
N GLU B 188 -4.25 -6.24 -23.44
CA GLU B 188 -4.27 -6.51 -24.87
C GLU B 188 -2.90 -6.93 -25.38
N LEU B 189 -1.85 -6.22 -24.96
CA LEU B 189 -0.50 -6.57 -25.39
C LEU B 189 -0.14 -7.98 -24.95
N SER B 190 -0.38 -8.29 -23.68
CA SER B 190 0.00 -9.60 -23.15
C SER B 190 -0.74 -10.71 -23.88
N LEU B 191 -1.99 -10.46 -24.27
CA LEU B 191 -2.77 -11.47 -24.96
C LEU B 191 -2.26 -11.68 -26.38
N ASP B 192 -1.84 -10.62 -27.06
CA ASP B 192 -1.23 -10.76 -28.38
C ASP B 192 0.07 -11.54 -28.32
N LEU B 193 0.85 -11.32 -27.27
CA LEU B 193 2.07 -12.10 -27.07
C LEU B 193 1.76 -13.57 -26.83
N LEU B 194 0.73 -13.85 -26.02
CA LEU B 194 0.34 -15.24 -25.79
C LEU B 194 0.01 -15.92 -27.12
N GLU B 195 -0.71 -15.22 -27.99
CA GLU B 195 -1.10 -15.81 -29.27
C GLU B 195 0.12 -16.14 -30.12
N VAL B 196 1.08 -15.23 -30.20
CA VAL B 196 2.26 -15.49 -31.04
C VAL B 196 3.05 -16.68 -30.51
N LEU B 197 3.16 -16.79 -29.18
CA LEU B 197 3.90 -17.92 -28.61
C LEU B 197 3.19 -19.24 -28.86
N CYS B 198 1.86 -19.27 -28.70
CA CYS B 198 1.11 -20.49 -28.90
C CYS B 198 1.12 -20.95 -30.36
N LEU B 199 1.31 -20.03 -31.31
CA LEU B 199 1.38 -20.40 -32.72
C LEU B 199 2.81 -20.66 -33.18
N ASP B 200 3.80 -20.53 -32.29
CA ASP B 200 5.20 -20.70 -32.65
C ASP B 200 5.55 -22.18 -32.66
N GLY B 201 5.94 -22.69 -33.82
CA GLY B 201 6.26 -24.10 -33.96
C GLY B 201 7.44 -24.54 -33.13
N ASP B 202 8.34 -23.62 -32.76
CA ASP B 202 9.48 -23.99 -31.93
C ASP B 202 9.08 -24.49 -30.55
N LEU B 203 7.88 -24.12 -30.10
CA LEU B 203 7.38 -24.53 -28.80
C LEU B 203 6.41 -25.70 -28.88
N SER B 204 6.33 -26.37 -30.04
CA SER B 204 5.36 -27.44 -30.22
C SER B 204 5.60 -28.56 -29.22
N GLY B 205 4.52 -29.22 -28.82
CA GLY B 205 4.57 -30.37 -27.95
C GLY B 205 4.68 -30.06 -26.47
N TRP B 206 4.78 -28.80 -26.11
CA TRP B 206 4.87 -28.38 -24.71
C TRP B 206 3.58 -27.65 -24.35
N ASN B 207 2.94 -28.11 -23.29
CA ASN B 207 1.70 -27.48 -22.84
C ASN B 207 1.88 -26.65 -21.59
N GLY B 208 3.10 -26.19 -21.32
CA GLY B 208 3.36 -25.46 -20.09
C GLY B 208 3.05 -23.98 -20.11
N MET B 209 2.71 -23.40 -21.27
CA MET B 209 2.44 -21.97 -21.32
C MET B 209 1.16 -21.64 -20.57
N GLY B 210 1.23 -20.65 -19.68
CA GLY B 210 0.11 -20.30 -18.85
C GLY B 210 -0.17 -18.81 -18.91
N PHE B 211 -1.41 -18.45 -18.58
CA PHE B 211 -1.85 -17.06 -18.71
C PHE B 211 -2.91 -16.79 -17.66
N VAL B 212 -2.82 -15.64 -17.01
CA VAL B 212 -3.77 -15.25 -15.96
C VAL B 212 -4.85 -14.37 -16.57
N VAL B 213 -6.11 -14.58 -16.14
CA VAL B 213 -7.21 -13.69 -16.50
CA VAL B 213 -7.21 -13.69 -16.50
C VAL B 213 -7.87 -13.23 -15.21
N GLN B 214 -8.15 -11.94 -15.14
CA GLN B 214 -8.67 -11.31 -13.91
C GLN B 214 -10.18 -11.12 -14.00
N ALA B 215 -10.92 -11.79 -13.11
CA ALA B 215 -12.38 -11.76 -13.16
C ALA B 215 -12.96 -10.44 -12.67
N TYR B 216 -12.18 -9.57 -12.05
CA TYR B 216 -12.74 -8.26 -11.77
C TYR B 216 -12.78 -7.38 -13.01
N GLY B 217 -12.27 -7.87 -14.15
CA GLY B 217 -12.30 -7.10 -15.38
C GLY B 217 -13.52 -7.43 -16.23
N LYS B 218 -14.09 -6.39 -16.83
CA LYS B 218 -15.25 -6.57 -17.70
C LYS B 218 -14.94 -7.39 -18.94
N ARG B 219 -13.67 -7.45 -19.34
CA ARG B 219 -13.31 -8.22 -20.53
C ARG B 219 -13.14 -9.70 -20.26
N CYS B 220 -13.15 -10.12 -19.00
CA CYS B 220 -12.70 -11.46 -18.63
C CYS B 220 -13.39 -12.58 -19.42
N PRO B 221 -14.72 -12.65 -19.53
CA PRO B 221 -15.30 -13.78 -20.27
C PRO B 221 -14.96 -13.79 -21.76
N PHE B 222 -14.76 -12.62 -22.36
CA PHE B 222 -14.44 -12.55 -23.77
C PHE B 222 -12.97 -12.85 -24.01
N VAL B 223 -12.11 -12.48 -23.05
CA VAL B 223 -10.72 -12.93 -23.10
C VAL B 223 -10.68 -14.46 -23.00
N LEU B 224 -11.50 -15.05 -22.12
CA LEU B 224 -11.50 -16.51 -22.02
C LEU B 224 -12.01 -17.16 -23.30
N ASP B 225 -13.04 -16.59 -23.93
CA ASP B 225 -13.46 -17.11 -25.24
C ASP B 225 -12.29 -17.11 -26.22
N PHE B 226 -11.52 -16.02 -26.24
CA PHE B 226 -10.40 -15.92 -27.18
C PHE B 226 -9.31 -16.95 -26.85
N ILE B 227 -9.00 -17.14 -25.57
CA ILE B 227 -7.97 -18.09 -25.18
C ILE B 227 -8.38 -19.53 -25.48
N ILE B 228 -9.64 -19.88 -25.19
CA ILE B 228 -10.11 -21.23 -25.48
C ILE B 228 -10.06 -21.49 -26.99
N ASP B 229 -10.48 -20.51 -27.80
CA ASP B 229 -10.37 -20.69 -29.26
C ASP B 229 -8.91 -20.77 -29.72
N LEU B 230 -8.03 -19.97 -29.10
CA LEU B 230 -6.61 -20.06 -29.42
C LEU B 230 -6.06 -21.45 -29.09
N ALA B 231 -6.49 -22.03 -27.98
CA ALA B 231 -6.01 -23.38 -27.65
C ALA B 231 -6.46 -24.37 -28.71
N ARG B 232 -7.69 -24.23 -29.21
CA ARG B 232 -8.16 -25.15 -30.23
C ARG B 232 -7.36 -25.02 -31.53
N ARG B 233 -7.08 -23.79 -31.97
CA ARG B 233 -6.44 -23.69 -33.27
C ARG B 233 -4.93 -23.88 -33.19
N SER B 234 -4.34 -23.66 -32.02
CA SER B 234 -2.90 -23.84 -31.87
C SER B 234 -2.52 -25.26 -31.51
N GLY B 235 -3.44 -26.01 -30.89
CA GLY B 235 -3.12 -27.35 -30.44
C GLY B 235 -2.40 -27.41 -29.11
N ARG B 236 -2.22 -26.27 -28.45
CA ARG B 236 -1.66 -26.20 -27.11
C ARG B 236 -2.78 -26.27 -26.10
N ARG B 237 -2.59 -27.05 -25.04
CA ARG B 237 -3.48 -26.97 -23.88
C ARG B 237 -3.00 -25.85 -22.98
N ILE B 238 -3.66 -24.70 -23.04
CA ILE B 238 -3.17 -23.51 -22.34
C ILE B 238 -3.56 -23.60 -20.87
N MET B 239 -2.61 -23.32 -19.99
CA MET B 239 -2.91 -23.28 -18.57
C MET B 239 -3.51 -21.91 -18.30
N VAL B 240 -4.69 -21.87 -17.69
CA VAL B 240 -5.42 -20.61 -17.49
C VAL B 240 -5.61 -20.40 -15.99
N ARG B 241 -4.94 -19.41 -15.42
CA ARG B 241 -5.13 -19.11 -14.00
C ARG B 241 -6.22 -18.06 -13.89
N LEU B 242 -7.34 -18.44 -13.28
CA LEU B 242 -8.47 -17.54 -13.08
C LEU B 242 -8.32 -16.94 -11.69
N VAL B 243 -8.20 -15.61 -11.64
CA VAL B 243 -8.06 -14.87 -10.40
C VAL B 243 -9.16 -13.82 -10.36
N LYS B 244 -9.35 -13.22 -9.19
CA LYS B 244 -10.20 -12.04 -9.16
C LYS B 244 -9.39 -10.81 -9.60
N GLY B 245 -8.31 -10.49 -8.89
CA GLY B 245 -7.47 -9.42 -9.37
C GLY B 245 -6.80 -8.65 -8.25
N ALA B 246 -5.54 -8.24 -8.42
CA ALA B 246 -4.77 -7.69 -7.30
C ALA B 246 -4.63 -6.18 -7.33
N TYR B 247 -5.07 -5.52 -8.40
CA TYR B 247 -4.79 -4.10 -8.58
C TYR B 247 -6.02 -3.22 -8.48
N TRP B 248 -7.08 -3.68 -7.79
CA TRP B 248 -8.36 -2.98 -7.83
C TRP B 248 -8.23 -1.53 -7.37
N ASP B 249 -7.55 -1.29 -6.24
CA ASP B 249 -7.46 0.09 -5.76
C ASP B 249 -6.74 0.99 -6.77
N ALA B 250 -5.69 0.46 -7.39
CA ALA B 250 -4.94 1.23 -8.37
C ALA B 250 -5.76 1.48 -9.63
N GLU B 251 -6.60 0.50 -10.01
CA GLU B 251 -7.40 0.64 -11.22
C GLU B 251 -8.48 1.70 -11.04
N ILE B 252 -9.08 1.74 -9.85
CA ILE B 252 -10.08 2.77 -9.58
C ILE B 252 -9.45 4.15 -9.68
N LYS B 253 -8.29 4.33 -9.04
CA LYS B 253 -7.62 5.63 -9.04
C LYS B 253 -7.21 6.03 -10.45
N ARG B 254 -6.69 5.08 -11.24
CA ARG B 254 -6.23 5.39 -12.58
C ARG B 254 -7.40 5.80 -13.48
N ALA B 255 -8.53 5.10 -13.37
CA ALA B 255 -9.69 5.46 -14.18
C ALA B 255 -10.21 6.85 -13.83
N GLN B 256 -10.19 7.19 -12.54
CA GLN B 256 -10.59 8.53 -12.13
C GLN B 256 -9.67 9.58 -12.73
N LEU B 257 -8.35 9.32 -12.74
CA LEU B 257 -7.42 10.29 -13.29
C LEU B 257 -7.48 10.36 -14.80
N ASP B 258 -7.90 9.27 -15.45
CA ASP B 258 -8.11 9.22 -16.90
C ASP B 258 -9.41 9.87 -17.35
N GLY B 259 -10.25 10.33 -16.41
CA GLY B 259 -11.48 10.98 -16.78
C GLY B 259 -12.55 10.06 -17.33
N LEU B 260 -12.50 8.77 -16.95
CA LEU B 260 -13.40 7.79 -17.52
C LEU B 260 -14.79 7.90 -16.89
N ALA B 261 -15.81 7.77 -17.74
CA ALA B 261 -17.18 7.63 -17.25
C ALA B 261 -17.48 6.20 -16.81
N ASP B 262 -16.83 5.21 -17.42
CA ASP B 262 -17.02 3.79 -17.10
C ASP B 262 -15.67 3.11 -17.00
N PHE B 263 -15.43 2.38 -15.88
CA PHE B 263 -14.16 1.79 -15.51
C PHE B 263 -13.96 0.43 -16.17
N PRO B 264 -12.71 -0.02 -16.30
CA PRO B 264 -12.46 -1.36 -16.88
C PRO B 264 -12.64 -2.51 -15.91
N VAL B 265 -12.90 -2.23 -14.62
CA VAL B 265 -13.13 -3.23 -13.60
C VAL B 265 -14.49 -2.93 -12.95
N PHE B 266 -15.04 -3.97 -12.32
CA PHE B 266 -16.26 -3.81 -11.53
C PHE B 266 -15.96 -2.98 -10.28
N THR B 267 -17.00 -2.32 -9.77
CA THR B 267 -16.86 -1.50 -8.57
C THR B 267 -17.64 -2.06 -7.38
N ARG B 268 -18.41 -3.11 -7.57
CA ARG B 268 -19.09 -3.82 -6.49
C ARG B 268 -18.44 -5.19 -6.32
N LYS B 269 -17.99 -5.50 -5.10
CA LYS B 269 -17.18 -6.70 -4.91
C LYS B 269 -17.94 -7.96 -5.31
N ILE B 270 -19.23 -8.05 -4.99
CA ILE B 270 -19.91 -9.30 -5.31
C ILE B 270 -20.08 -9.48 -6.81
N HIS B 271 -20.00 -8.40 -7.60
CA HIS B 271 -19.99 -8.55 -9.04
C HIS B 271 -18.74 -9.28 -9.51
N THR B 272 -17.59 -9.04 -8.86
CA THR B 272 -16.40 -9.79 -9.19
C THR B 272 -16.57 -11.27 -8.83
N ASP B 273 -17.25 -11.55 -7.71
CA ASP B 273 -17.51 -12.93 -7.32
C ASP B 273 -18.38 -13.64 -8.34
N VAL B 274 -19.42 -12.97 -8.83
CA VAL B 274 -20.28 -13.55 -9.86
C VAL B 274 -19.50 -13.78 -11.14
N SER B 275 -18.71 -12.79 -11.55
CA SER B 275 -17.87 -12.93 -12.73
C SER B 275 -16.93 -14.13 -12.61
N TYR B 276 -16.31 -14.32 -11.44
CA TYR B 276 -15.40 -15.45 -11.24
C TYR B 276 -16.11 -16.78 -11.44
N ILE B 277 -17.30 -16.94 -10.85
CA ILE B 277 -18.00 -18.22 -10.94
C ILE B 277 -18.49 -18.48 -12.36
N ALA B 278 -18.98 -17.45 -13.04
CA ALA B 278 -19.39 -17.58 -14.44
C ALA B 278 -18.21 -17.98 -15.32
N CYS B 279 -17.03 -17.39 -15.08
CA CYS B 279 -15.86 -17.74 -15.88
C CYS B 279 -15.35 -19.13 -15.53
N ALA B 280 -15.49 -19.53 -14.27
CA ALA B 280 -15.15 -20.90 -13.89
C ALA B 280 -16.02 -21.90 -14.62
N ALA B 281 -17.31 -21.60 -14.77
CA ALA B 281 -18.19 -22.48 -15.52
C ALA B 281 -17.72 -22.61 -16.97
N LYS B 282 -17.26 -21.51 -17.56
CA LYS B 282 -16.77 -21.56 -18.94
C LYS B 282 -15.51 -22.41 -19.05
N LEU B 283 -14.58 -22.25 -18.11
CA LEU B 283 -13.34 -23.01 -18.12
C LEU B 283 -13.60 -24.50 -17.89
N LEU B 284 -14.52 -24.84 -16.99
CA LEU B 284 -14.75 -26.24 -16.67
C LEU B 284 -15.39 -26.98 -17.83
N ALA B 285 -16.03 -26.27 -18.73
CA ALA B 285 -16.59 -26.89 -19.91
C ALA B 285 -15.55 -27.06 -21.02
N ALA B 286 -14.30 -26.62 -20.81
CA ALA B 286 -13.29 -26.64 -21.86
C ALA B 286 -12.00 -27.34 -21.42
N THR B 287 -12.09 -28.27 -20.45
CA THR B 287 -10.86 -28.85 -19.93
C THR B 287 -10.14 -29.73 -20.95
N ASP B 288 -10.76 -30.05 -22.10
CA ASP B 288 -10.04 -30.75 -23.16
C ASP B 288 -8.95 -29.88 -23.77
N VAL B 289 -9.10 -28.55 -23.76
CA VAL B 289 -8.16 -27.66 -24.44
C VAL B 289 -7.54 -26.61 -23.53
N VAL B 290 -8.03 -26.41 -22.31
CA VAL B 290 -7.33 -25.57 -21.34
C VAL B 290 -7.20 -26.34 -20.03
N PHE B 291 -6.24 -25.92 -19.22
CA PHE B 291 -6.06 -26.45 -17.87
C PHE B 291 -6.44 -25.37 -16.88
N PRO B 292 -7.64 -25.39 -16.30
CA PRO B 292 -8.04 -24.33 -15.38
C PRO B 292 -7.32 -24.43 -14.06
N GLN B 293 -6.93 -23.26 -13.56
CA GLN B 293 -6.21 -23.11 -12.30
C GLN B 293 -6.98 -22.07 -11.50
N PHE B 294 -7.69 -22.52 -10.46
CA PHE B 294 -8.65 -21.68 -9.74
C PHE B 294 -7.94 -21.10 -8.53
N ALA B 295 -7.45 -19.87 -8.67
CA ALA B 295 -6.67 -19.21 -7.64
C ALA B 295 -7.63 -18.41 -6.75
N THR B 296 -7.74 -18.82 -5.49
CA THR B 296 -8.60 -18.11 -4.56
C THR B 296 -8.31 -18.55 -3.13
N HIS B 297 -8.50 -17.65 -2.17
CA HIS B 297 -8.44 -17.98 -0.75
C HIS B 297 -9.82 -17.99 -0.12
N ASN B 298 -10.87 -17.85 -0.93
CA ASN B 298 -12.23 -17.70 -0.43
C ASN B 298 -12.87 -19.09 -0.40
N ALA B 299 -13.16 -19.58 0.81
CA ALA B 299 -13.67 -20.95 0.93
C ALA B 299 -15.02 -21.13 0.25
N GLN B 300 -15.80 -20.05 0.13
CA GLN B 300 -17.09 -20.18 -0.55
C GLN B 300 -16.89 -20.32 -2.05
N THR B 301 -15.98 -19.53 -2.62
CA THR B 301 -15.66 -19.66 -4.04
C THR B 301 -15.12 -21.05 -4.35
N LEU B 302 -14.22 -21.52 -3.50
CA LEU B 302 -13.62 -22.84 -3.66
C LEU B 302 -14.69 -23.92 -3.67
N ALA B 303 -15.56 -23.90 -2.65
CA ALA B 303 -16.60 -24.93 -2.56
C ALA B 303 -17.52 -24.89 -3.76
N ALA B 304 -17.86 -23.68 -4.22
CA ALA B 304 -18.73 -23.55 -5.38
C ALA B 304 -18.11 -24.19 -6.61
N ILE B 305 -16.81 -23.99 -6.81
CA ILE B 305 -16.16 -24.55 -8.00
C ILE B 305 -15.97 -26.05 -7.84
N TYR B 306 -15.65 -26.50 -6.62
CA TYR B 306 -15.52 -27.93 -6.35
C TYR B 306 -16.79 -28.69 -6.71
N HIS B 307 -17.96 -28.16 -6.35
CA HIS B 307 -19.19 -28.86 -6.69
C HIS B 307 -19.64 -28.62 -8.12
N MET B 308 -19.35 -27.43 -8.68
CA MET B 308 -19.63 -27.18 -10.09
C MET B 308 -18.90 -28.16 -10.99
N ALA B 309 -17.67 -28.55 -10.61
CA ALA B 309 -16.86 -29.39 -11.47
C ALA B 309 -17.34 -30.84 -11.49
N GLY B 310 -18.15 -31.24 -10.53
CA GLY B 310 -18.72 -32.58 -10.58
C GLY B 310 -17.83 -33.65 -9.96
N LYS B 311 -18.27 -34.89 -10.14
CA LYS B 311 -17.66 -36.01 -9.45
C LYS B 311 -16.43 -36.58 -10.15
N ASP B 312 -16.24 -36.32 -11.45
CA ASP B 312 -15.14 -36.91 -12.20
C ASP B 312 -13.90 -36.03 -12.06
N PHE B 313 -12.80 -36.63 -11.59
CA PHE B 313 -11.57 -35.87 -11.44
C PHE B 313 -10.35 -36.77 -11.64
N HIS B 314 -9.31 -36.18 -12.22
CA HIS B 314 -8.00 -36.78 -12.32
C HIS B 314 -6.98 -35.65 -12.27
N VAL B 315 -5.79 -35.93 -11.76
CA VAL B 315 -4.76 -34.90 -11.75
C VAL B 315 -4.45 -34.53 -13.19
N GLY B 316 -4.50 -33.24 -13.48
CA GLY B 316 -4.41 -32.72 -14.83
C GLY B 316 -5.71 -32.15 -15.36
N LYS B 317 -6.85 -32.44 -14.72
CA LYS B 317 -8.11 -31.87 -15.18
C LYS B 317 -8.17 -30.38 -14.88
N TYR B 318 -8.06 -30.04 -13.59
CA TYR B 318 -7.93 -28.66 -13.14
CA TYR B 318 -7.94 -28.66 -13.14
C TYR B 318 -7.19 -28.70 -11.81
N GLU B 319 -6.84 -27.52 -11.29
CA GLU B 319 -6.26 -27.44 -9.96
C GLU B 319 -6.72 -26.16 -9.32
N PHE B 320 -6.51 -26.06 -8.00
CA PHE B 320 -6.64 -24.79 -7.28
C PHE B 320 -5.27 -24.17 -7.10
N GLN B 321 -5.23 -22.89 -6.71
CA GLN B 321 -3.95 -22.24 -6.41
C GLN B 321 -4.12 -21.28 -5.26
N CYS B 322 -3.03 -21.02 -4.53
CA CYS B 322 -3.05 -20.07 -3.44
C CYS B 322 -1.70 -19.36 -3.36
N LEU B 323 -1.67 -18.25 -2.59
CA LEU B 323 -0.43 -17.55 -2.32
C LEU B 323 0.24 -18.09 -1.07
N HIS B 324 1.56 -18.25 -1.14
CA HIS B 324 2.34 -18.60 0.04
C HIS B 324 2.06 -17.60 1.17
N GLY B 325 1.84 -18.13 2.36
CA GLY B 325 1.57 -17.30 3.52
C GLY B 325 0.13 -16.90 3.69
N MET B 326 -0.75 -17.28 2.77
CA MET B 326 -2.16 -16.95 2.85
C MET B 326 -3.07 -18.17 2.76
N GLY B 327 -2.73 -19.14 1.93
CA GLY B 327 -3.71 -20.16 1.58
C GLY B 327 -3.45 -21.54 2.13
N GLU B 328 -2.28 -21.77 2.71
CA GLU B 328 -1.99 -23.12 3.17
C GLU B 328 -3.01 -23.64 4.20
N PRO B 329 -3.48 -22.86 5.18
CA PRO B 329 -4.46 -23.43 6.11
C PRO B 329 -5.76 -23.87 5.45
N LEU B 330 -6.27 -23.09 4.49
CA LEU B 330 -7.46 -23.51 3.76
C LEU B 330 -7.19 -24.77 2.96
N TYR B 331 -6.09 -24.79 2.22
CA TYR B 331 -5.90 -25.91 1.31
C TYR B 331 -5.36 -27.16 1.98
N GLU B 332 -4.85 -27.08 3.21
CA GLU B 332 -4.63 -28.31 3.98
C GLU B 332 -5.93 -29.04 4.27
N GLU B 333 -7.09 -28.37 4.10
CA GLU B 333 -8.38 -29.02 4.19
C GLU B 333 -8.93 -29.45 2.84
N VAL B 334 -8.11 -29.36 1.78
CA VAL B 334 -8.54 -29.63 0.41
C VAL B 334 -7.69 -30.71 -0.22
N VAL B 335 -6.36 -30.57 -0.14
CA VAL B 335 -5.46 -31.52 -0.76
C VAL B 335 -5.46 -32.84 0.02
N GLY B 336 -5.44 -33.94 -0.70
CA GLY B 336 -5.31 -35.18 0.06
C GLY B 336 -6.58 -36.00 0.03
N ARG B 337 -6.38 -37.33 0.12
CA ARG B 337 -7.47 -38.28 -0.09
C ARG B 337 -8.59 -38.10 0.93
N GLY B 338 -8.24 -37.85 2.19
CA GLY B 338 -9.26 -37.71 3.22
C GLY B 338 -9.95 -36.37 3.27
N LYS B 339 -9.57 -35.42 2.42
CA LYS B 339 -10.15 -34.08 2.40
C LYS B 339 -11.06 -33.93 1.19
N LEU B 340 -10.72 -33.01 0.28
CA LEU B 340 -11.46 -32.94 -0.99
C LEU B 340 -10.74 -33.64 -2.14
N ASP B 341 -9.51 -34.09 -1.93
CA ASP B 341 -8.73 -34.80 -2.95
C ASP B 341 -8.57 -33.96 -4.22
N ARG B 342 -8.25 -32.68 -4.05
CA ARG B 342 -7.98 -31.81 -5.19
C ARG B 342 -6.62 -31.15 -4.98
N PRO B 343 -5.82 -30.98 -6.02
CA PRO B 343 -4.49 -30.40 -5.85
C PRO B 343 -4.51 -28.88 -5.76
N CYS B 344 -3.44 -28.34 -5.16
CA CYS B 344 -3.26 -26.90 -5.02
C CYS B 344 -1.83 -26.55 -5.33
N ARG B 345 -1.63 -25.54 -6.17
CA ARG B 345 -0.30 -25.02 -6.48
C ARG B 345 -0.08 -23.74 -5.70
N ILE B 346 1.04 -23.68 -4.99
CA ILE B 346 1.37 -22.54 -4.14
C ILE B 346 2.22 -21.57 -4.94
N TYR B 347 1.78 -20.32 -5.04
CA TYR B 347 2.58 -19.26 -5.65
C TYR B 347 3.62 -18.81 -4.64
N ALA B 348 4.89 -18.92 -5.00
CA ALA B 348 6.00 -18.81 -4.05
C ALA B 348 6.93 -17.67 -4.46
N PRO B 349 6.79 -16.48 -3.87
CA PRO B 349 7.74 -15.41 -4.17
C PRO B 349 9.12 -15.71 -3.62
N VAL B 350 10.13 -15.21 -4.33
CA VAL B 350 11.54 -15.46 -4.03
C VAL B 350 12.29 -14.16 -4.20
N GLY B 351 12.93 -13.69 -3.13
CA GLY B 351 13.69 -12.46 -3.20
C GLY B 351 13.92 -11.88 -1.82
N THR B 352 14.39 -10.64 -1.81
CA THR B 352 14.72 -9.91 -0.59
C THR B 352 13.82 -8.66 -0.49
N HIS B 353 14.12 -7.80 0.49
CA HIS B 353 13.33 -6.58 0.64
C HIS B 353 13.53 -5.62 -0.52
N GLU B 354 14.67 -5.71 -1.21
CA GLU B 354 14.90 -4.90 -2.41
C GLU B 354 13.88 -5.16 -3.51
N THR B 355 13.04 -6.20 -3.36
CA THR B 355 12.06 -6.54 -4.38
C THR B 355 10.69 -6.88 -3.82
N LEU B 356 10.51 -6.96 -2.51
CA LEU B 356 9.26 -7.40 -1.93
C LEU B 356 8.18 -6.32 -1.95
N LEU B 357 8.57 -5.06 -2.15
CA LEU B 357 7.73 -3.91 -1.80
C LEU B 357 6.37 -3.93 -2.50
N ALA B 358 6.38 -3.88 -3.84
CA ALA B 358 5.14 -3.68 -4.57
C ALA B 358 4.16 -4.82 -4.32
N TYR B 359 4.68 -6.06 -4.24
CA TYR B 359 3.86 -7.22 -3.93
C TYR B 359 3.27 -7.13 -2.52
N LEU B 360 4.07 -6.69 -1.56
CA LEU B 360 3.60 -6.59 -0.18
C LEU B 360 2.48 -5.56 -0.04
N VAL B 361 2.57 -4.44 -0.75
CA VAL B 361 1.50 -3.45 -0.70
C VAL B 361 0.19 -4.07 -1.20
N ARG B 362 0.27 -4.85 -2.28
CA ARG B 362 -0.94 -5.48 -2.77
C ARG B 362 -1.47 -6.52 -1.80
N ARG B 363 -0.59 -7.22 -1.06
CA ARG B 363 -1.05 -8.14 -0.02
C ARG B 363 -1.72 -7.38 1.14
N LEU B 364 -1.19 -6.21 1.49
CA LEU B 364 -1.83 -5.45 2.57
C LEU B 364 -3.22 -5.00 2.14
N LEU B 365 -3.36 -4.52 0.90
CA LEU B 365 -4.66 -4.09 0.43
C LEU B 365 -5.65 -5.25 0.35
N GLU B 366 -5.15 -6.46 0.04
CA GLU B 366 -5.97 -7.66 0.01
C GLU B 366 -6.36 -8.08 1.42
N ASN B 367 -5.38 -8.16 2.32
CA ASN B 367 -5.65 -8.69 3.66
C ASN B 367 -6.38 -7.70 4.54
N GLY B 368 -6.27 -6.40 4.25
CA GLY B 368 -6.81 -5.40 5.14
C GLY B 368 -8.17 -4.85 4.75
N ALA B 369 -8.67 -5.25 3.59
CA ALA B 369 -9.93 -4.74 3.07
C ALA B 369 -11.13 -5.40 3.76
N ASN B 370 -12.11 -4.57 4.13
CA ASN B 370 -13.30 -5.08 4.79
C ASN B 370 -14.04 -6.10 3.91
N SER B 371 -13.89 -6.00 2.59
CA SER B 371 -14.61 -6.86 1.67
C SER B 371 -13.91 -8.19 1.41
N SER B 372 -12.66 -8.34 1.83
CA SER B 372 -11.91 -9.56 1.54
C SER B 372 -12.31 -10.69 2.48
N PHE B 373 -12.42 -11.90 1.91
CA PHE B 373 -12.71 -13.09 2.72
C PHE B 373 -11.71 -13.26 3.85
N VAL B 374 -10.42 -13.08 3.58
CA VAL B 374 -9.41 -13.33 4.60
C VAL B 374 -9.51 -12.34 5.75
N HIS B 375 -10.12 -11.18 5.51
CA HIS B 375 -10.39 -10.24 6.59
C HIS B 375 -11.69 -10.58 7.28
N ARG B 376 -12.71 -10.95 6.50
CA ARG B 376 -14.03 -11.23 7.08
C ARG B 376 -14.00 -12.46 7.97
N ILE B 377 -13.16 -13.45 7.66
CA ILE B 377 -13.13 -14.65 8.48
C ILE B 377 -12.67 -14.35 9.90
N ASN B 378 -11.98 -13.22 10.13
CA ASN B 378 -11.59 -12.80 11.47
C ASN B 378 -12.39 -11.61 12.00
N ASP B 379 -13.44 -11.21 11.30
CA ASP B 379 -14.24 -10.07 11.68
C ASP B 379 -15.36 -10.51 12.60
N PRO B 380 -15.43 -10.02 13.84
CA PRO B 380 -16.50 -10.46 14.76
C PRO B 380 -17.91 -10.16 14.25
N LYS B 381 -18.05 -9.26 13.28
CA LYS B 381 -19.37 -8.83 12.82
C LYS B 381 -19.93 -9.74 11.73
N VAL B 382 -19.16 -10.69 11.24
CA VAL B 382 -19.52 -11.50 10.08
C VAL B 382 -19.81 -12.92 10.54
N SER B 383 -21.05 -13.36 10.38
CA SER B 383 -21.45 -14.69 10.77
C SER B 383 -20.96 -15.72 9.76
N ILE B 384 -20.86 -16.99 10.21
CA ILE B 384 -20.53 -18.04 9.26
C ILE B 384 -21.59 -18.11 8.17
N ASP B 385 -22.84 -17.75 8.51
CA ASP B 385 -23.91 -17.68 7.51
C ASP B 385 -23.52 -16.77 6.36
N GLU B 386 -22.99 -15.59 6.68
CA GLU B 386 -22.60 -14.65 5.64
C GLU B 386 -21.38 -15.15 4.86
N LEU B 387 -20.45 -15.81 5.55
CA LEU B 387 -19.25 -16.29 4.86
C LEU B 387 -19.57 -17.37 3.83
N ILE B 388 -20.64 -18.13 4.05
CA ILE B 388 -20.99 -19.23 3.13
C ILE B 388 -22.12 -18.85 2.18
N ALA B 389 -22.59 -17.61 2.21
CA ALA B 389 -23.65 -17.20 1.31
C ALA B 389 -23.18 -17.21 -0.13
N ASP B 390 -24.01 -17.72 -1.03
CA ASP B 390 -23.73 -17.68 -2.46
C ASP B 390 -23.95 -16.26 -2.98
N PRO B 391 -22.92 -15.60 -3.51
CA PRO B 391 -23.11 -14.22 -3.99
C PRO B 391 -24.06 -14.12 -5.18
N VAL B 392 -24.17 -15.17 -5.98
CA VAL B 392 -25.04 -15.13 -7.16
C VAL B 392 -26.49 -14.92 -6.74
N GLU B 393 -26.86 -15.43 -5.56
CA GLU B 393 -28.21 -15.25 -5.05
C GLU B 393 -28.49 -13.81 -4.64
N VAL B 394 -27.44 -13.05 -4.31
CA VAL B 394 -27.66 -11.66 -3.89
C VAL B 394 -28.02 -10.79 -5.08
N VAL B 395 -27.57 -11.15 -6.28
CA VAL B 395 -27.94 -10.41 -7.48
C VAL B 395 -28.75 -11.27 -8.43
#